data_2PSS
#
_entry.id   2PSS
#
_cell.length_a   195.630
_cell.length_b   134.180
_cell.length_c   48.420
_cell.angle_alpha   90.00
_cell.angle_beta   94.07
_cell.angle_gamma   90.00
#
_symmetry.space_group_name_H-M   'C 1 2 1'
#
loop_
_entity.id
_entity.type
_entity.pdbx_description
1 polymer 'Spermidine synthase'
2 non-polymer 2-(2-{2-[2-(2-METHOXY-ETHOXY)-ETHOXY]-ETHOXY}-ETHOXY)-ETHANOL
3 non-polymer GLYCEROL
4 non-polymer 'SULFATE ION'
5 water water
#
_entity_poly.entity_id   1
_entity_poly.type   'polypeptide(L)'
_entity_poly.pdbx_seq_one_letter_code
;MDKLISNNKLKLSVVLLGGLCSLAYYHLKNKFHLSQFCFSKKWFSEFSIMWPGQAFSLKIKKILYETKSKYQNVLVFEST
TYGKVLVLDGVIQLTEKDEFAYHEMMTHVPMTVSKEPKNVLVVGGGDGGIIRELCKYKSVENIDICEIDETVIEVSKIYF
KNISCGYEDKRVNVFIEDASKFLENVTNTYDVIIVDSSDPIGPAETLFNQNFYEKIYNALKPNGYCVAQCESLWIHVGTI
KNMIGYAKKLFKKVEYANISIPTYPCGCIGILCCSKTDTGLTKPNKKLESKEFADLKYYNYENHSAAFKLPAFLLKEIEN
I
;
_entity_poly.pdbx_strand_id   A,B,C
#
# COMPACT_ATOMS: atom_id res chain seq x y z
N LYS A 41 14.21 10.43 -29.00
CA LYS A 41 14.75 9.58 -27.88
C LYS A 41 15.81 10.35 -27.05
N LYS A 42 16.22 9.79 -25.91
CA LYS A 42 17.12 10.50 -24.99
C LYS A 42 18.40 9.67 -24.74
N TRP A 43 19.45 10.28 -24.21
CA TRP A 43 20.73 9.60 -23.98
C TRP A 43 21.15 9.56 -22.53
N PHE A 44 21.59 8.39 -22.06
CA PHE A 44 22.26 8.29 -20.76
C PHE A 44 23.73 8.60 -20.93
N SER A 45 24.29 9.40 -20.03
CA SER A 45 25.71 9.74 -20.09
C SER A 45 26.43 9.54 -18.76
N GLU A 46 27.63 8.97 -18.87
CA GLU A 46 28.39 8.49 -17.73
C GLU A 46 29.60 9.38 -17.42
N PHE A 47 29.49 10.18 -16.37
CA PHE A 47 30.57 11.07 -15.96
C PHE A 47 31.10 10.64 -14.61
N SER A 48 32.34 11.00 -14.29
CA SER A 48 32.95 10.68 -13.00
C SER A 48 34.30 11.32 -12.89
N ILE A 49 34.64 11.76 -11.67
CA ILE A 49 35.98 12.25 -11.32
C ILE A 49 37.04 11.15 -11.30
N MET A 50 36.62 9.90 -11.42
CA MET A 50 37.57 8.80 -11.48
C MET A 50 38.17 8.69 -12.88
N TRP A 51 37.42 9.16 -13.86
CA TRP A 51 37.90 9.31 -15.24
C TRP A 51 37.46 10.66 -15.81
N PRO A 52 38.10 11.76 -15.34
CA PRO A 52 37.67 13.06 -15.84
C PRO A 52 38.11 13.28 -17.31
N GLY A 53 37.40 14.13 -18.02
CA GLY A 53 37.79 14.42 -19.39
C GLY A 53 37.15 13.51 -20.43
N GLN A 54 36.53 12.41 -20.00
CA GLN A 54 35.88 11.49 -20.94
C GLN A 54 34.49 11.13 -20.46
N ALA A 55 33.64 10.66 -21.36
CA ALA A 55 32.33 10.11 -21.02
C ALA A 55 31.89 9.11 -22.06
N PHE A 56 31.02 8.18 -21.67
CA PHE A 56 30.48 7.18 -22.59
C PHE A 56 28.96 7.25 -22.46
N SER A 57 28.25 7.12 -23.57
CA SER A 57 26.83 7.36 -23.61
C SER A 57 26.13 6.28 -24.35
N LEU A 58 24.93 5.95 -23.89
CA LEU A 58 24.08 4.97 -24.51
C LEU A 58 22.71 5.59 -24.77
N LYS A 59 22.13 5.30 -25.92
CA LYS A 59 20.81 5.82 -26.24
C LYS A 59 19.77 5.03 -25.45
N ILE A 60 18.85 5.76 -24.84
CA ILE A 60 17.76 5.16 -24.05
C ILE A 60 16.59 4.81 -24.95
N LYS A 61 16.21 3.54 -24.99
CA LYS A 61 14.94 3.14 -25.61
C LYS A 61 13.77 3.46 -24.66
N LYS A 62 13.92 3.08 -23.39
CA LYS A 62 12.95 3.43 -22.33
C LYS A 62 13.45 3.12 -20.94
N ILE A 63 13.21 4.07 -20.02
CA ILE A 63 13.52 3.91 -18.61
C ILE A 63 12.55 2.86 -18.03
N LEU A 64 13.08 1.96 -17.20
CA LEU A 64 12.30 0.84 -16.69
C LEU A 64 12.02 0.96 -15.19
N TYR A 65 12.97 1.51 -14.45
CA TYR A 65 12.85 1.65 -13.00
C TYR A 65 13.92 2.59 -12.50
N GLU A 66 13.65 3.27 -11.38
CA GLU A 66 14.52 4.32 -10.89
C GLU A 66 14.22 4.56 -9.40
N THR A 67 15.24 4.55 -8.54
CA THR A 67 15.06 4.76 -7.08
C THR A 67 16.30 5.29 -6.36
N LYS A 68 16.13 5.83 -5.15
CA LYS A 68 17.27 6.15 -4.28
C LYS A 68 17.25 5.23 -3.08
N SER A 69 18.04 4.16 -3.16
CA SER A 69 18.11 3.22 -2.06
C SER A 69 18.89 3.87 -0.93
N LYS A 70 18.95 3.16 0.20
CA LYS A 70 19.68 3.59 1.40
C LYS A 70 21.14 3.88 1.08
N TYR A 71 21.65 3.29 0.00
CA TYR A 71 23.08 3.33 -0.31
C TYR A 71 23.46 4.11 -1.57
N GLN A 72 22.59 4.12 -2.56
CA GLN A 72 22.92 4.69 -3.88
C GLN A 72 21.69 4.90 -4.73
N ASN A 73 21.84 5.70 -5.78
CA ASN A 73 20.82 5.79 -6.82
C ASN A 73 20.89 4.58 -7.72
N VAL A 74 19.72 4.09 -8.11
CA VAL A 74 19.61 2.91 -8.94
C VAL A 74 18.78 3.29 -10.13
N LEU A 75 19.30 3.00 -11.33
CA LEU A 75 18.57 3.24 -12.57
C LEU A 75 18.65 2.01 -13.45
N VAL A 76 17.53 1.64 -14.04
CA VAL A 76 17.46 0.55 -15.02
C VAL A 76 16.81 1.12 -16.28
N PHE A 77 17.39 0.80 -17.44
CA PHE A 77 16.79 1.17 -18.71
C PHE A 77 17.05 0.17 -19.81
N GLU A 78 16.15 0.09 -20.77
CA GLU A 78 16.43 -0.61 -22.00
C GLU A 78 17.20 0.37 -22.86
N SER A 79 18.42 0.01 -23.27
CA SER A 79 19.12 0.83 -24.26
C SER A 79 18.73 0.30 -25.64
N THR A 80 19.07 1.04 -26.69
CA THR A 80 18.67 0.64 -28.05
C THR A 80 19.53 -0.47 -28.65
N THR A 81 20.79 -0.56 -28.20
CA THR A 81 21.72 -1.55 -28.77
C THR A 81 22.54 -2.37 -27.76
N TYR A 82 22.39 -2.12 -26.47
CA TYR A 82 23.15 -2.89 -25.48
C TYR A 82 22.27 -3.71 -24.53
N GLY A 83 20.97 -3.79 -24.87
CA GLY A 83 19.97 -4.46 -24.04
C GLY A 83 19.65 -3.64 -22.81
N LYS A 84 19.28 -4.32 -21.73
CA LYS A 84 18.99 -3.62 -20.48
C LYS A 84 20.29 -3.22 -19.81
N VAL A 85 20.26 -2.09 -19.12
CA VAL A 85 21.43 -1.49 -18.48
C VAL A 85 21.10 -1.23 -17.01
N LEU A 86 22.04 -1.54 -16.13
CA LEU A 86 21.90 -1.23 -14.71
C LEU A 86 22.89 -0.15 -14.38
N VAL A 87 22.41 0.92 -13.78
CA VAL A 87 23.25 2.06 -13.45
C VAL A 87 23.18 2.32 -11.95
N LEU A 88 24.34 2.50 -11.31
CA LEU A 88 24.39 2.74 -9.88
C LEU A 88 25.23 3.98 -9.58
N ASP A 89 24.63 4.95 -8.91
CA ASP A 89 25.27 6.25 -8.72
C ASP A 89 25.73 6.88 -10.04
N GLY A 90 24.94 6.68 -11.10
CA GLY A 90 25.27 7.22 -12.42
C GLY A 90 26.42 6.57 -13.18
N VAL A 91 26.87 5.42 -12.69
CA VAL A 91 27.95 4.65 -13.32
C VAL A 91 27.38 3.29 -13.77
N ILE A 92 27.67 2.90 -15.01
CA ILE A 92 27.17 1.63 -15.54
C ILE A 92 27.72 0.47 -14.74
N GLN A 93 26.82 -0.37 -14.24
CA GLN A 93 27.18 -1.59 -13.56
C GLN A 93 27.24 -2.78 -14.46
N LEU A 94 26.32 -2.85 -15.42
CA LEU A 94 26.33 -3.91 -16.37
C LEU A 94 25.33 -3.65 -17.49
N THR A 95 25.56 -4.30 -18.61
CA THR A 95 24.56 -4.32 -19.68
C THR A 95 24.43 -5.76 -20.09
N GLU A 96 23.29 -6.12 -20.66
CA GLU A 96 23.09 -7.46 -21.17
C GLU A 96 24.04 -7.87 -22.32
N LYS A 97 24.44 -6.91 -23.14
CA LYS A 97 25.23 -7.20 -24.35
C LYS A 97 26.60 -7.79 -24.06
N ASP A 98 27.25 -7.29 -23.02
CA ASP A 98 28.65 -7.58 -22.78
C ASP A 98 29.00 -8.07 -21.35
N GLU A 99 28.02 -8.19 -20.47
CA GLU A 99 28.28 -8.61 -19.06
C GLU A 99 29.02 -9.94 -18.93
N PHE A 100 28.82 -10.84 -19.88
CA PHE A 100 29.45 -12.15 -19.84
C PHE A 100 30.99 -12.08 -19.80
N ALA A 101 31.57 -11.10 -20.49
CA ALA A 101 33.01 -10.91 -20.54
C ALA A 101 33.57 -10.80 -19.12
N TYR A 102 32.97 -9.90 -18.35
CA TYR A 102 33.43 -9.61 -16.99
C TYR A 102 33.10 -10.74 -16.04
N HIS A 103 31.89 -11.29 -16.14
CA HIS A 103 31.47 -12.35 -15.19
C HIS A 103 32.17 -13.71 -15.43
N GLU A 104 32.30 -14.11 -16.70
CA GLU A 104 33.10 -15.28 -17.07
C GLU A 104 34.58 -15.20 -16.70
N MET A 105 35.25 -14.10 -17.03
CA MET A 105 36.68 -13.96 -16.71
C MET A 105 36.95 -13.91 -15.20
N MET A 106 36.19 -13.10 -14.47
CA MET A 106 36.26 -13.03 -13.00
C MET A 106 36.05 -14.35 -12.24
N THR A 107 35.15 -15.19 -12.76
CA THR A 107 34.79 -16.48 -12.19
C THR A 107 35.75 -17.56 -12.67
N HIS A 108 35.77 -17.83 -13.98
CA HIS A 108 36.41 -19.02 -14.51
C HIS A 108 37.92 -18.96 -14.48
N VAL A 109 38.50 -17.78 -14.34
CA VAL A 109 39.94 -17.69 -14.07
C VAL A 109 40.28 -18.47 -12.79
N PRO A 110 39.81 -18.01 -11.59
CA PRO A 110 40.20 -18.69 -10.35
C PRO A 110 39.59 -20.10 -10.19
N MET A 111 38.42 -20.32 -10.77
CA MET A 111 37.73 -21.58 -10.66
C MET A 111 38.31 -22.71 -11.51
N THR A 112 39.13 -22.38 -12.51
CA THR A 112 39.86 -23.40 -13.26
C THR A 112 41.24 -23.62 -12.65
N VAL A 113 41.67 -22.73 -11.78
CA VAL A 113 42.96 -22.90 -11.10
C VAL A 113 42.76 -23.69 -9.80
N SER A 114 41.78 -23.29 -8.99
CA SER A 114 41.37 -24.05 -7.82
C SER A 114 41.05 -25.50 -8.22
N LYS A 115 41.64 -26.47 -7.52
CA LYS A 115 41.48 -27.88 -7.91
C LYS A 115 40.07 -28.41 -7.63
N GLU A 116 39.66 -28.37 -6.36
CA GLU A 116 38.37 -28.91 -6.00
C GLU A 116 37.59 -27.92 -5.14
N PRO A 117 37.18 -26.76 -5.71
CA PRO A 117 36.63 -25.70 -4.84
C PRO A 117 35.24 -26.05 -4.32
N LYS A 118 35.06 -25.99 -2.99
CA LYS A 118 33.82 -26.42 -2.35
C LYS A 118 33.02 -25.25 -1.81
N ASN A 119 33.73 -24.26 -1.27
CA ASN A 119 33.11 -23.09 -0.64
C ASN A 119 33.61 -21.80 -1.30
N VAL A 120 32.69 -21.05 -1.90
CA VAL A 120 33.04 -19.83 -2.62
C VAL A 120 32.26 -18.61 -2.09
N LEU A 121 32.94 -17.47 -2.01
CA LEU A 121 32.37 -16.23 -1.53
C LEU A 121 32.42 -15.14 -2.59
N VAL A 122 31.28 -14.52 -2.88
CA VAL A 122 31.27 -13.31 -3.70
C VAL A 122 31.06 -12.10 -2.80
N VAL A 123 31.95 -11.14 -2.90
CA VAL A 123 31.73 -9.87 -2.26
C VAL A 123 31.24 -8.86 -3.28
N GLY A 124 30.08 -8.23 -3.03
CA GLY A 124 29.47 -7.32 -4.01
C GLY A 124 28.76 -8.23 -5.00
N GLY A 125 28.51 -7.74 -6.20
CA GLY A 125 27.95 -8.64 -7.20
C GLY A 125 26.50 -8.97 -6.92
N GLY A 126 25.76 -7.97 -6.44
CA GLY A 126 24.33 -8.15 -6.17
C GLY A 126 23.58 -8.62 -7.40
N ASP A 127 24.09 -8.27 -8.56
CA ASP A 127 23.42 -8.57 -9.81
C ASP A 127 23.30 -10.05 -10.10
N GLY A 128 24.17 -10.86 -9.51
CA GLY A 128 24.10 -12.33 -9.62
C GLY A 128 24.94 -12.92 -10.74
N GLY A 129 25.65 -12.09 -11.50
CA GLY A 129 26.31 -12.61 -12.70
C GLY A 129 27.40 -13.62 -12.38
N ILE A 130 28.24 -13.28 -11.40
CA ILE A 130 29.23 -14.21 -10.95
C ILE A 130 28.61 -15.49 -10.44
N ILE A 131 27.56 -15.34 -9.64
CA ILE A 131 26.81 -16.47 -9.10
C ILE A 131 26.31 -17.37 -10.24
N ARG A 132 25.75 -16.79 -11.30
CA ARG A 132 25.33 -17.60 -12.47
C ARG A 132 26.49 -18.46 -12.98
N GLU A 133 27.71 -17.91 -12.91
CA GLU A 133 28.88 -18.58 -13.47
C GLU A 133 29.37 -19.68 -12.56
N LEU A 134 29.37 -19.40 -11.24
CA LEU A 134 29.70 -20.38 -10.20
C LEU A 134 28.82 -21.63 -10.15
N CYS A 135 27.51 -21.44 -10.23
CA CYS A 135 26.57 -22.57 -10.25
C CYS A 135 26.83 -23.63 -11.30
N LYS A 136 27.62 -23.28 -12.33
CA LYS A 136 27.92 -24.21 -13.43
C LYS A 136 28.83 -25.35 -12.99
N TYR A 137 29.57 -25.12 -11.90
CA TYR A 137 30.48 -26.09 -11.30
C TYR A 137 29.73 -27.02 -10.35
N LYS A 138 29.79 -28.33 -10.60
CA LYS A 138 29.01 -29.30 -9.82
C LYS A 138 29.64 -29.60 -8.47
N SER A 139 30.96 -29.43 -8.37
CA SER A 139 31.71 -29.71 -7.15
C SER A 139 31.49 -28.67 -6.07
N VAL A 140 31.06 -27.46 -6.46
CA VAL A 140 30.81 -26.40 -5.51
C VAL A 140 29.62 -26.83 -4.63
N GLU A 141 29.82 -26.72 -3.32
CA GLU A 141 28.80 -27.14 -2.35
C GLU A 141 28.07 -25.95 -1.75
N ASN A 142 28.75 -24.81 -1.66
CA ASN A 142 28.14 -23.62 -1.14
C ASN A 142 28.62 -22.40 -1.87
N ILE A 143 27.76 -21.41 -2.01
CA ILE A 143 28.11 -20.09 -2.57
C ILE A 143 27.54 -19.03 -1.63
N ASP A 144 28.40 -18.29 -0.96
CA ASP A 144 27.95 -17.16 -0.15
C ASP A 144 28.13 -15.86 -0.93
N ILE A 145 27.20 -14.95 -0.76
CA ILE A 145 27.39 -13.62 -1.35
C ILE A 145 27.05 -12.56 -0.34
N CYS A 146 27.98 -11.62 -0.14
CA CYS A 146 27.76 -10.52 0.75
CA CYS A 146 27.69 -10.51 0.75
C CYS A 146 27.60 -9.19 -0.01
N GLU A 147 26.38 -8.66 -0.10
CA GLU A 147 26.07 -7.44 -0.83
C GLU A 147 25.34 -6.48 0.12
N ILE A 148 25.88 -5.27 0.32
CA ILE A 148 25.34 -4.34 1.34
C ILE A 148 23.91 -3.83 1.04
N ASP A 149 23.55 -3.82 -0.24
CA ASP A 149 22.36 -3.14 -0.75
C ASP A 149 21.42 -4.11 -1.46
N GLU A 150 20.36 -4.52 -0.76
CA GLU A 150 19.47 -5.55 -1.26
C GLU A 150 18.62 -5.12 -2.45
N THR A 151 18.47 -3.81 -2.64
CA THR A 151 17.76 -3.26 -3.80
C THR A 151 18.41 -3.76 -5.10
N VAL A 152 19.74 -3.71 -5.15
CA VAL A 152 20.53 -4.23 -6.27
C VAL A 152 20.14 -5.68 -6.60
N ILE A 153 20.13 -6.54 -5.59
CA ILE A 153 19.71 -7.93 -5.74
C ILE A 153 18.27 -8.04 -6.25
N GLU A 154 17.37 -7.29 -5.61
CA GLU A 154 15.94 -7.32 -5.91
C GLU A 154 15.65 -6.82 -7.34
N VAL A 155 16.28 -5.71 -7.72
CA VAL A 155 16.14 -5.13 -9.04
C VAL A 155 16.65 -6.07 -10.13
N SER A 156 17.75 -6.72 -9.82
CA SER A 156 18.34 -7.66 -10.75
C SER A 156 17.51 -8.93 -10.89
N LYS A 157 16.90 -9.36 -9.79
CA LYS A 157 16.00 -10.50 -9.83
C LYS A 157 14.79 -10.23 -10.71
N ILE A 158 14.37 -8.97 -10.77
CA ILE A 158 13.19 -8.57 -11.53
C ILE A 158 13.52 -8.29 -13.00
N TYR A 159 14.53 -7.45 -13.25
CA TYR A 159 14.76 -6.92 -14.60
C TYR A 159 15.79 -7.67 -15.44
N PHE A 160 16.61 -8.50 -14.80
CA PHE A 160 17.74 -9.14 -15.43
C PHE A 160 17.74 -10.63 -15.15
N LYS A 161 16.70 -11.33 -15.62
CA LYS A 161 16.44 -12.71 -15.23
C LYS A 161 17.48 -13.70 -15.73
N ASN A 162 18.13 -13.39 -16.84
CA ASN A 162 19.23 -14.20 -17.38
C ASN A 162 20.59 -13.92 -16.71
N ILE A 163 20.58 -13.02 -15.72
CA ILE A 163 21.79 -12.67 -14.99
C ILE A 163 21.67 -13.14 -13.54
N SER A 164 20.45 -13.04 -13.01
CA SER A 164 20.19 -13.28 -11.59
C SER A 164 19.61 -14.67 -11.28
N CYS A 165 19.73 -15.57 -12.22
CA CYS A 165 19.07 -16.88 -12.16
C CYS A 165 19.73 -17.86 -11.20
N GLY A 166 21.02 -17.68 -10.95
CA GLY A 166 21.74 -18.45 -9.96
C GLY A 166 21.22 -18.32 -8.52
N TYR A 167 20.39 -17.33 -8.27
CA TYR A 167 19.80 -17.11 -6.93
C TYR A 167 18.80 -18.21 -6.57
N GLU A 168 18.22 -18.82 -7.59
CA GLU A 168 17.27 -19.91 -7.39
C GLU A 168 17.97 -21.22 -7.07
N ASP A 169 19.30 -21.20 -7.04
CA ASP A 169 20.10 -22.38 -6.77
C ASP A 169 20.22 -22.55 -5.26
N LYS A 170 20.03 -23.78 -4.80
CA LYS A 170 19.92 -24.09 -3.39
C LYS A 170 21.22 -23.87 -2.60
N ARG A 171 22.35 -23.93 -3.29
CA ARG A 171 23.65 -23.76 -2.66
C ARG A 171 23.95 -22.31 -2.29
N VAL A 172 23.16 -21.37 -2.82
CA VAL A 172 23.45 -19.93 -2.70
C VAL A 172 22.91 -19.33 -1.42
N ASN A 173 23.74 -18.59 -0.69
CA ASN A 173 23.27 -17.95 0.53
C ASN A 173 23.59 -16.46 0.60
N VAL A 174 22.56 -15.63 0.75
CA VAL A 174 22.67 -14.17 0.61
C VAL A 174 22.82 -13.46 1.96
N PHE A 175 23.73 -12.50 2.03
CA PHE A 175 24.00 -11.83 3.31
C PHE A 175 23.99 -10.34 3.06
N ILE A 176 22.91 -9.68 3.48
CA ILE A 176 22.77 -8.25 3.29
C ILE A 176 23.62 -7.60 4.36
N GLU A 177 24.85 -7.27 4.00
CA GLU A 177 25.84 -6.92 4.99
C GLU A 177 27.05 -6.21 4.41
N ASP A 178 27.71 -5.43 5.26
CA ASP A 178 28.99 -4.80 4.94
C ASP A 178 30.07 -5.89 4.85
N ALA A 179 30.75 -5.95 3.71
CA ALA A 179 31.77 -6.97 3.45
C ALA A 179 32.83 -7.01 4.53
N SER A 180 33.30 -5.84 4.97
CA SER A 180 34.29 -5.77 6.02
C SER A 180 33.80 -6.40 7.32
N LYS A 181 32.54 -6.15 7.68
CA LYS A 181 31.89 -6.84 8.80
C LYS A 181 31.67 -8.36 8.56
N PHE A 182 31.22 -8.74 7.35
CA PHE A 182 31.06 -10.13 7.02
C PHE A 182 32.38 -10.91 7.14
N LEU A 183 33.46 -10.35 6.59
CA LEU A 183 34.78 -11.01 6.64
C LEU A 183 35.38 -11.10 8.05
N GLU A 184 35.12 -10.11 8.89
CA GLU A 184 35.61 -10.14 10.27
C GLU A 184 34.82 -11.21 11.07
N ASN A 185 33.55 -11.42 10.70
CA ASN A 185 32.60 -12.28 11.45
C ASN A 185 32.48 -13.73 11.02
N VAL A 186 32.96 -14.04 9.82
CA VAL A 186 32.74 -15.34 9.18
C VAL A 186 33.58 -16.43 9.88
N THR A 187 33.01 -17.63 10.00
CA THR A 187 33.70 -18.74 10.68
C THR A 187 34.30 -19.73 9.68
N ASN A 188 33.57 -20.00 8.59
CA ASN A 188 34.15 -20.75 7.46
C ASN A 188 35.30 -19.98 6.81
N THR A 189 36.23 -20.73 6.23
CA THR A 189 37.18 -20.16 5.28
C THR A 189 36.74 -20.63 3.87
N TYR A 190 37.21 -19.94 2.82
CA TYR A 190 36.76 -20.19 1.44
C TYR A 190 37.86 -20.65 0.49
N ASP A 191 37.48 -21.43 -0.51
CA ASP A 191 38.42 -21.87 -1.53
C ASP A 191 38.74 -20.72 -2.47
N VAL A 192 37.73 -19.90 -2.74
CA VAL A 192 37.88 -18.79 -3.65
C VAL A 192 37.00 -17.67 -3.17
N ILE A 193 37.54 -16.46 -3.23
CA ILE A 193 36.82 -15.25 -2.94
C ILE A 193 36.88 -14.36 -4.19
N ILE A 194 35.74 -13.92 -4.62
CA ILE A 194 35.70 -13.09 -5.77
C ILE A 194 35.13 -11.75 -5.34
N VAL A 195 35.91 -10.69 -5.51
CA VAL A 195 35.47 -9.38 -5.10
C VAL A 195 34.93 -8.61 -6.32
N ASP A 196 33.61 -8.60 -6.44
CA ASP A 196 32.96 -7.96 -7.56
C ASP A 196 32.44 -6.62 -7.10
N SER A 197 33.37 -5.74 -6.74
CA SER A 197 33.02 -4.42 -6.20
C SER A 197 34.06 -3.36 -6.52
N SER A 198 33.56 -2.16 -6.80
CA SER A 198 34.32 -0.90 -6.76
C SER A 198 34.51 -0.24 -8.11
N ASN A 211 44.28 -3.89 5.35
CA ASN A 211 43.35 -4.45 6.34
C ASN A 211 42.21 -5.22 5.69
N PHE A 212 41.62 -4.68 4.63
CA PHE A 212 40.66 -5.44 3.85
C PHE A 212 41.30 -6.73 3.32
N TYR A 213 42.46 -6.62 2.70
CA TYR A 213 43.18 -7.80 2.19
C TYR A 213 43.76 -8.73 3.28
N GLU A 214 44.03 -8.20 4.47
CA GLU A 214 44.28 -9.05 5.65
C GLU A 214 43.09 -9.95 5.97
N LYS A 215 41.90 -9.36 6.00
CA LYS A 215 40.66 -10.13 6.16
C LYS A 215 40.39 -11.15 5.04
N ILE A 216 40.66 -10.78 3.79
CA ILE A 216 40.47 -11.72 2.67
C ILE A 216 41.38 -12.93 2.85
N TYR A 217 42.63 -12.66 3.23
CA TYR A 217 43.67 -13.65 3.42
C TYR A 217 43.24 -14.67 4.49
N ASN A 218 42.83 -14.15 5.65
CA ASN A 218 42.36 -14.98 6.76
C ASN A 218 41.06 -15.74 6.44
N ALA A 219 40.29 -15.27 5.47
CA ALA A 219 39.04 -15.94 5.13
C ALA A 219 39.24 -17.01 4.06
N LEU A 220 40.45 -17.10 3.51
CA LEU A 220 40.79 -18.09 2.50
C LEU A 220 41.47 -19.33 3.11
N LYS A 221 41.25 -20.51 2.52
CA LYS A 221 41.97 -21.71 2.95
C LYS A 221 43.48 -21.55 2.64
N PRO A 222 44.36 -22.38 3.27
CA PRO A 222 45.81 -22.12 3.07
C PRO A 222 46.24 -22.07 1.61
N ASN A 223 45.52 -22.78 0.75
CA ASN A 223 45.76 -22.76 -0.69
C ASN A 223 44.68 -22.02 -1.51
N GLY A 224 43.95 -21.09 -0.88
CA GLY A 224 42.83 -20.39 -1.54
C GLY A 224 43.21 -19.20 -2.42
N TYR A 225 42.31 -18.79 -3.31
CA TYR A 225 42.56 -17.70 -4.23
C TYR A 225 41.54 -16.56 -4.11
N CYS A 226 41.98 -15.35 -4.40
CA CYS A 226 41.10 -14.19 -4.45
C CYS A 226 41.31 -13.50 -5.78
N VAL A 227 40.21 -13.11 -6.41
CA VAL A 227 40.27 -12.23 -7.59
C VAL A 227 39.39 -11.01 -7.29
N ALA A 228 39.94 -9.81 -7.50
CA ALA A 228 39.21 -8.57 -7.23
C ALA A 228 39.22 -7.65 -8.44
N GLN A 229 38.11 -6.97 -8.70
CA GLN A 229 38.07 -5.98 -9.77
C GLN A 229 39.10 -4.90 -9.47
N CYS A 230 39.90 -4.51 -10.46
CA CYS A 230 41.03 -3.62 -10.20
C CYS A 230 41.40 -2.65 -11.30
N GLU A 231 40.49 -1.74 -11.67
CA GLU A 231 40.83 -0.55 -12.46
C GLU A 231 41.11 -0.84 -13.92
N SER A 232 41.06 0.21 -14.74
CA SER A 232 41.50 0.11 -16.13
C SER A 232 42.95 0.57 -16.19
N LEU A 233 43.74 -0.15 -16.99
CA LEU A 233 45.17 0.11 -17.09
C LEU A 233 45.38 1.43 -17.81
N TRP A 234 44.35 1.83 -18.55
CA TRP A 234 44.38 3.09 -19.28
C TRP A 234 44.22 4.32 -18.40
N ILE A 235 43.61 4.19 -17.23
CA ILE A 235 43.40 5.38 -16.38
C ILE A 235 44.04 5.41 -14.99
N HIS A 236 44.03 4.32 -14.25
CA HIS A 236 44.46 4.42 -12.85
C HIS A 236 45.63 3.52 -12.48
N VAL A 237 46.78 3.81 -13.06
CA VAL A 237 47.95 2.95 -12.94
C VAL A 237 48.58 3.03 -11.55
N GLY A 238 48.54 4.22 -10.94
CA GLY A 238 49.00 4.42 -9.57
C GLY A 238 48.22 3.55 -8.60
N THR A 239 46.91 3.48 -8.82
CA THR A 239 46.02 2.62 -8.04
C THR A 239 46.32 1.13 -8.24
N ILE A 240 46.59 0.73 -9.49
CA ILE A 240 46.98 -0.65 -9.77
C ILE A 240 48.26 -0.96 -9.00
N LYS A 241 49.20 -0.01 -9.01
CA LYS A 241 50.44 -0.15 -8.26
C LYS A 241 50.22 -0.31 -6.75
N ASN A 242 49.30 0.49 -6.21
CA ASN A 242 48.96 0.46 -4.78
C ASN A 242 48.30 -0.83 -4.33
N MET A 243 47.33 -1.32 -5.12
CA MET A 243 46.62 -2.57 -4.88
C MET A 243 47.56 -3.76 -4.91
N ILE A 244 48.36 -3.86 -5.97
CA ILE A 244 49.43 -4.83 -6.04
C ILE A 244 50.38 -4.69 -4.82
N GLY A 245 50.68 -3.45 -4.43
CA GLY A 245 51.55 -3.19 -3.28
C GLY A 245 51.00 -3.81 -2.00
N TYR A 246 49.73 -3.54 -1.71
CA TYR A 246 49.04 -4.06 -0.53
C TYR A 246 49.00 -5.57 -0.54
N ALA A 247 48.59 -6.13 -1.68
CA ALA A 247 48.39 -7.56 -1.79
C ALA A 247 49.68 -8.36 -1.62
N LYS A 248 50.81 -7.80 -2.10
CA LYS A 248 52.12 -8.48 -2.05
C LYS A 248 52.67 -8.62 -0.63
N LYS A 249 52.27 -7.70 0.25
CA LYS A 249 52.48 -7.78 1.70
C LYS A 249 51.97 -9.09 2.29
N LEU A 250 50.85 -9.58 1.75
CA LEU A 250 50.14 -10.72 2.29
C LEU A 250 50.24 -11.97 1.44
N PHE A 251 50.01 -11.82 0.14
CA PHE A 251 49.97 -12.94 -0.79
C PHE A 251 51.32 -13.17 -1.47
N LYS A 252 51.69 -14.44 -1.63
CA LYS A 252 53.00 -14.73 -2.21
C LYS A 252 53.03 -14.58 -3.76
N LYS A 253 51.87 -14.50 -4.40
CA LYS A 253 51.80 -14.32 -5.86
C LYS A 253 50.66 -13.40 -6.24
N VAL A 254 51.00 -12.18 -6.62
CA VAL A 254 50.03 -11.18 -7.06
C VAL A 254 50.19 -10.95 -8.58
N GLU A 255 49.08 -11.02 -9.31
CA GLU A 255 49.11 -10.96 -10.76
C GLU A 255 47.94 -10.14 -11.27
N TYR A 256 48.14 -9.45 -12.38
CA TYR A 256 47.11 -8.59 -12.92
C TYR A 256 46.72 -9.07 -14.33
N ALA A 257 45.42 -9.22 -14.56
CA ALA A 257 44.88 -9.59 -15.89
C ALA A 257 43.90 -8.54 -16.39
N ASN A 258 43.59 -8.57 -17.69
CA ASN A 258 42.80 -7.53 -18.34
C ASN A 258 41.64 -8.12 -19.13
N ILE A 259 40.45 -7.55 -18.93
CA ILE A 259 39.23 -7.95 -19.63
C ILE A 259 38.78 -6.84 -20.59
N SER A 260 38.50 -7.22 -21.84
CA SER A 260 37.88 -6.35 -22.80
C SER A 260 36.36 -6.31 -22.54
N ILE A 261 35.88 -5.13 -22.18
CA ILE A 261 34.48 -4.91 -21.94
C ILE A 261 34.11 -3.46 -22.24
N PRO A 262 33.33 -3.24 -23.31
CA PRO A 262 33.11 -1.92 -23.89
C PRO A 262 32.41 -0.92 -22.99
N THR A 263 31.55 -1.39 -22.09
CA THR A 263 30.76 -0.47 -21.29
C THR A 263 31.40 -0.14 -19.92
N TYR A 264 32.61 -0.63 -19.67
CA TYR A 264 33.41 -0.05 -18.58
C TYR A 264 34.28 1.05 -19.15
N PRO A 265 34.67 2.04 -18.32
CA PRO A 265 35.47 3.16 -18.84
C PRO A 265 36.74 2.64 -19.50
N CYS A 266 37.10 3.23 -20.66
CA CYS A 266 38.26 2.83 -21.46
C CYS A 266 38.10 1.46 -22.16
N GLY A 267 36.97 0.80 -21.98
CA GLY A 267 36.68 -0.46 -22.70
C GLY A 267 37.41 -1.67 -22.14
N CYS A 268 37.88 -1.58 -20.91
CA CYS A 268 38.53 -2.71 -20.29
C CYS A 268 38.57 -2.55 -18.76
N ILE A 269 38.72 -3.67 -18.07
CA ILE A 269 38.81 -3.67 -16.61
C ILE A 269 39.76 -4.78 -16.20
N GLY A 270 40.56 -4.51 -15.17
CA GLY A 270 41.52 -5.50 -14.69
C GLY A 270 41.06 -6.34 -13.54
N ILE A 271 41.76 -7.46 -13.35
CA ILE A 271 41.46 -8.43 -12.30
C ILE A 271 42.74 -8.49 -11.47
N LEU A 272 42.71 -8.02 -10.23
CA LEU A 272 43.80 -8.31 -9.29
C LEU A 272 43.68 -9.75 -8.80
N CYS A 273 44.73 -10.54 -9.03
CA CYS A 273 44.73 -11.96 -8.70
C CYS A 273 45.72 -12.26 -7.58
N CYS A 274 45.22 -12.86 -6.49
CA CYS A 274 46.04 -13.16 -5.30
C CYS A 274 46.05 -14.66 -4.93
N SER A 275 47.23 -15.28 -4.98
CA SER A 275 47.40 -16.67 -4.54
C SER A 275 48.27 -16.76 -3.30
N LYS A 276 48.06 -17.80 -2.51
CA LYS A 276 48.90 -18.04 -1.34
C LYS A 276 50.03 -19.01 -1.72
N THR A 277 49.78 -19.83 -2.74
CA THR A 277 50.78 -20.74 -3.28
C THR A 277 51.80 -19.99 -4.15
N ASP A 278 52.94 -20.62 -4.43
CA ASP A 278 53.94 -20.07 -5.34
C ASP A 278 53.40 -20.00 -6.78
N THR A 279 52.45 -20.89 -7.10
CA THR A 279 52.05 -21.12 -8.51
C THR A 279 51.31 -19.96 -9.19
N GLY A 280 50.27 -19.40 -8.57
CA GLY A 280 49.54 -18.26 -9.14
C GLY A 280 48.41 -18.63 -10.09
N LEU A 281 47.79 -17.59 -10.69
CA LEU A 281 46.50 -17.76 -11.37
C LEU A 281 46.47 -17.75 -12.92
N THR A 282 47.65 -17.70 -13.56
CA THR A 282 47.76 -17.60 -15.03
C THR A 282 47.50 -18.87 -15.86
N LYS A 283 47.54 -20.04 -15.21
CA LYS A 283 47.41 -21.32 -15.90
C LYS A 283 46.26 -22.13 -15.32
N PRO A 284 45.20 -22.37 -16.14
CA PRO A 284 44.11 -23.23 -15.73
C PRO A 284 44.64 -24.62 -15.37
N ASN A 285 43.95 -25.31 -14.45
CA ASN A 285 44.28 -26.70 -14.11
C ASN A 285 43.21 -27.64 -14.66
N LYS A 286 42.29 -27.12 -15.47
CA LYS A 286 41.22 -27.92 -16.07
C LYS A 286 40.65 -27.23 -17.28
N LYS A 287 39.97 -28.01 -18.12
CA LYS A 287 39.23 -27.44 -19.22
C LYS A 287 37.76 -27.56 -18.88
N LEU A 288 37.00 -26.56 -19.28
CA LEU A 288 35.58 -26.54 -18.97
C LEU A 288 34.83 -27.22 -20.12
N GLU A 289 34.79 -28.55 -20.03
CA GLU A 289 34.36 -29.40 -21.14
C GLU A 289 32.92 -29.94 -21.05
N SER A 290 32.32 -29.84 -19.86
CA SER A 290 30.96 -30.36 -19.59
C SER A 290 29.84 -29.50 -20.14
N LYS A 291 28.63 -30.07 -20.21
CA LYS A 291 27.50 -29.43 -20.87
C LYS A 291 27.14 -28.05 -20.29
N GLU A 292 27.46 -27.84 -19.02
CA GLU A 292 27.19 -26.58 -18.29
C GLU A 292 27.96 -25.39 -18.87
N PHE A 293 29.10 -25.67 -19.51
CA PHE A 293 29.99 -24.63 -20.01
C PHE A 293 29.97 -24.53 -21.54
N ALA A 294 29.06 -25.23 -22.19
CA ALA A 294 29.00 -25.22 -23.64
C ALA A 294 28.63 -23.82 -24.20
N ASP A 295 27.85 -23.07 -23.43
CA ASP A 295 27.35 -21.74 -23.83
C ASP A 295 28.21 -20.53 -23.39
N LEU A 296 29.43 -20.79 -22.89
CA LEU A 296 30.34 -19.69 -22.52
C LEU A 296 30.64 -18.84 -23.76
N LYS A 297 30.75 -17.53 -23.58
CA LYS A 297 30.86 -16.65 -24.74
C LYS A 297 32.18 -15.88 -24.85
N TYR A 298 32.99 -15.89 -23.80
CA TYR A 298 34.22 -15.12 -23.79
C TYR A 298 35.39 -16.00 -23.34
N TYR A 299 35.32 -16.46 -22.09
CA TYR A 299 36.39 -17.27 -21.50
C TYR A 299 36.63 -18.55 -22.26
N ASN A 300 37.89 -18.82 -22.54
CA ASN A 300 38.30 -20.16 -22.92
C ASN A 300 39.70 -20.43 -22.44
N TYR A 301 40.13 -21.68 -22.58
CA TYR A 301 41.41 -22.14 -22.08
C TYR A 301 42.58 -21.21 -22.39
N GLU A 302 42.68 -20.86 -23.68
CA GLU A 302 43.75 -20.00 -24.17
C GLU A 302 43.62 -18.54 -23.72
N ASN A 303 42.42 -17.93 -23.78
CA ASN A 303 42.37 -16.52 -23.37
C ASN A 303 42.58 -16.28 -21.87
N HIS A 304 42.47 -17.34 -21.07
CA HIS A 304 42.80 -17.32 -19.66
C HIS A 304 44.23 -16.80 -19.49
N SER A 305 45.20 -17.50 -20.09
CA SER A 305 46.60 -17.13 -20.05
C SER A 305 46.84 -15.79 -20.74
N ALA A 306 46.20 -15.59 -21.90
CA ALA A 306 46.42 -14.38 -22.71
C ALA A 306 46.11 -13.09 -21.95
N ALA A 307 45.12 -13.15 -21.07
CA ALA A 307 44.63 -11.98 -20.36
C ALA A 307 45.70 -11.40 -19.39
N PHE A 308 46.71 -12.21 -19.10
CA PHE A 308 47.79 -11.80 -18.21
C PHE A 308 48.96 -11.19 -18.94
N LYS A 309 48.88 -11.14 -20.27
CA LYS A 309 49.93 -10.54 -21.09
C LYS A 309 49.64 -9.07 -21.32
N LEU A 310 50.30 -8.22 -20.54
CA LEU A 310 49.95 -6.81 -20.41
C LEU A 310 50.81 -5.93 -21.29
N PRO A 311 50.29 -4.75 -21.66
CA PRO A 311 51.03 -3.70 -22.37
C PRO A 311 52.33 -3.34 -21.68
N ALA A 312 53.38 -3.17 -22.49
CA ALA A 312 54.72 -2.94 -21.98
C ALA A 312 54.80 -1.80 -20.95
N PHE A 313 54.00 -0.76 -21.14
CA PHE A 313 54.06 0.37 -20.25
C PHE A 313 53.60 -0.01 -18.83
N LEU A 314 52.67 -0.97 -18.75
CA LEU A 314 52.15 -1.43 -17.47
C LEU A 314 53.16 -2.35 -16.77
N LEU A 315 53.67 -3.35 -17.48
CA LEU A 315 54.79 -4.14 -16.97
C LEU A 315 55.91 -3.28 -16.38
N LYS A 316 56.29 -2.23 -17.08
CA LYS A 316 57.33 -1.31 -16.64
C LYS A 316 56.97 -0.62 -15.31
N GLU A 317 55.68 -0.34 -15.14
CA GLU A 317 55.18 0.31 -13.93
C GLU A 317 55.13 -0.63 -12.72
N ILE A 318 54.74 -1.88 -12.96
CA ILE A 318 54.51 -2.83 -11.88
C ILE A 318 55.66 -3.81 -11.68
N GLU A 319 56.88 -3.39 -12.04
CA GLU A 319 58.04 -4.28 -11.92
C GLU A 319 58.85 -4.06 -10.62
N ASN A 320 59.12 -2.78 -10.29
CA ASN A 320 59.87 -2.43 -9.06
C ASN A 320 58.98 -2.36 -7.82
N ILE A 321 57.75 -2.86 -7.92
CA ILE A 321 56.82 -2.94 -6.77
C ILE A 321 57.22 -4.09 -5.84
N LYS B 41 -5.99 2.99 -23.29
CA LYS B 41 -5.71 2.86 -21.83
C LYS B 41 -6.76 1.95 -21.17
N LYS B 42 -6.30 0.87 -20.54
CA LYS B 42 -7.20 -0.11 -20.01
C LYS B 42 -7.49 0.08 -18.50
N TRP B 43 -8.38 -0.76 -17.98
CA TRP B 43 -8.92 -0.63 -16.65
C TRP B 43 -8.72 -1.92 -15.89
N PHE B 44 -8.30 -1.82 -14.64
CA PHE B 44 -8.28 -2.99 -13.77
C PHE B 44 -9.65 -3.14 -13.11
N SER B 45 -10.25 -4.33 -13.20
CA SER B 45 -11.51 -4.59 -12.52
C SER B 45 -11.44 -5.69 -11.46
N GLU B 46 -12.08 -5.46 -10.31
CA GLU B 46 -11.97 -6.33 -9.14
C GLU B 46 -13.28 -7.07 -8.99
N PHE B 47 -13.31 -8.34 -9.41
CA PHE B 47 -14.49 -9.21 -9.23
C PHE B 47 -14.19 -10.25 -8.18
N SER B 48 -15.23 -10.68 -7.47
CA SER B 48 -15.10 -11.74 -6.51
C SER B 48 -16.44 -12.36 -6.16
N ILE B 49 -16.35 -13.66 -5.88
CA ILE B 49 -17.44 -14.47 -5.37
C ILE B 49 -17.83 -14.02 -3.97
N MET B 50 -16.93 -13.32 -3.29
CA MET B 50 -17.12 -12.88 -1.90
CA MET B 50 -17.18 -12.91 -1.91
C MET B 50 -17.93 -11.59 -1.81
N TRP B 51 -18.09 -10.92 -2.94
CA TRP B 51 -18.95 -9.74 -3.09
C TRP B 51 -19.55 -9.76 -4.49
N PRO B 52 -20.53 -10.66 -4.72
CA PRO B 52 -21.06 -10.91 -6.05
C PRO B 52 -22.01 -9.79 -6.50
N GLY B 53 -22.03 -9.53 -7.80
CA GLY B 53 -22.88 -8.51 -8.33
C GLY B 53 -22.43 -7.08 -8.12
N GLN B 54 -21.20 -6.90 -7.64
CA GLN B 54 -20.60 -5.56 -7.60
C GLN B 54 -19.16 -5.69 -8.09
N ALA B 55 -18.54 -4.57 -8.44
CA ALA B 55 -17.13 -4.55 -8.83
C ALA B 55 -16.60 -3.13 -8.74
N PHE B 56 -15.32 -3.01 -8.39
CA PHE B 56 -14.62 -1.72 -8.40
C PHE B 56 -13.53 -1.73 -9.47
N SER B 57 -13.41 -0.63 -10.20
CA SER B 57 -12.41 -0.51 -11.26
C SER B 57 -11.50 0.71 -11.07
N LEU B 58 -10.25 0.56 -11.49
CA LEU B 58 -9.30 1.67 -11.56
C LEU B 58 -8.64 1.72 -12.95
N LYS B 59 -8.48 2.92 -13.49
CA LYS B 59 -7.84 3.11 -14.79
C LYS B 59 -6.33 2.90 -14.65
N ILE B 60 -5.77 2.15 -15.59
CA ILE B 60 -4.35 1.78 -15.55
C ILE B 60 -3.50 2.80 -16.31
N LYS B 61 -2.63 3.51 -15.59
CA LYS B 61 -1.63 4.38 -16.23
C LYS B 61 -0.50 3.55 -16.87
N LYS B 62 0.08 2.62 -16.12
CA LYS B 62 1.01 1.61 -16.68
C LYS B 62 1.20 0.38 -15.77
N ILE B 63 1.28 -0.81 -16.35
CA ILE B 63 1.64 -2.02 -15.62
C ILE B 63 3.14 -1.97 -15.28
N LEU B 64 3.49 -2.25 -14.02
CA LEU B 64 4.91 -2.18 -13.62
C LEU B 64 5.57 -3.54 -13.43
N TYR B 65 4.80 -4.54 -13.03
CA TYR B 65 5.31 -5.85 -12.70
C TYR B 65 4.18 -6.83 -12.61
N GLU B 66 4.39 -8.04 -13.12
CA GLU B 66 3.38 -9.07 -13.08
C GLU B 66 4.07 -10.44 -13.05
N THR B 67 3.76 -11.24 -12.04
CA THR B 67 4.41 -12.54 -11.86
C THR B 67 3.46 -13.49 -11.16
N LYS B 68 3.79 -14.77 -11.16
CA LYS B 68 3.11 -15.74 -10.33
C LYS B 68 4.15 -16.29 -9.37
N SER B 69 3.91 -16.15 -8.08
CA SER B 69 4.80 -16.67 -7.06
C SER B 69 4.34 -18.08 -6.68
N LYS B 70 4.99 -18.69 -5.69
CA LYS B 70 4.61 -20.03 -5.24
C LYS B 70 3.19 -20.06 -4.72
N TYR B 71 2.65 -18.88 -4.39
CA TYR B 71 1.35 -18.77 -3.70
C TYR B 71 0.23 -18.06 -4.45
N GLN B 72 0.57 -17.05 -5.25
CA GLN B 72 -0.44 -16.15 -5.82
C GLN B 72 0.04 -15.34 -7.02
N ASN B 73 -0.91 -14.93 -7.85
CA ASN B 73 -0.65 -13.97 -8.92
C ASN B 73 -0.41 -12.60 -8.31
N VAL B 74 0.67 -11.94 -8.73
CA VAL B 74 1.06 -10.65 -8.19
C VAL B 74 1.05 -9.61 -9.30
N LEU B 75 0.28 -8.54 -9.13
CA LEU B 75 0.25 -7.47 -10.09
C LEU B 75 0.53 -6.16 -9.39
N VAL B 76 1.39 -5.35 -9.99
CA VAL B 76 1.63 -3.99 -9.54
C VAL B 76 1.40 -3.10 -10.74
N PHE B 77 0.58 -2.07 -10.56
CA PHE B 77 0.38 -1.11 -11.62
C PHE B 77 0.24 0.30 -11.07
N GLU B 78 0.66 1.27 -11.86
CA GLU B 78 0.36 2.65 -11.53
C GLU B 78 -1.02 2.95 -12.11
N SER B 79 -1.91 3.44 -11.23
CA SER B 79 -3.22 3.90 -11.66
C SER B 79 -3.14 5.39 -11.89
N THR B 80 -4.10 5.91 -12.64
CA THR B 80 -4.14 7.32 -12.99
C THR B 80 -4.41 8.21 -11.79
N THR B 81 -5.17 7.74 -10.80
CA THR B 81 -5.54 8.61 -9.67
C THR B 81 -5.27 8.09 -8.24
N TYR B 82 -5.04 6.79 -8.08
CA TYR B 82 -4.80 6.20 -6.75
C TYR B 82 -3.35 5.83 -6.49
N GLY B 83 -2.43 6.33 -7.31
CA GLY B 83 -1.00 6.01 -7.21
C GLY B 83 -0.76 4.56 -7.56
N LYS B 84 0.26 3.96 -6.96
CA LYS B 84 0.57 2.56 -7.24
C LYS B 84 -0.36 1.57 -6.54
N VAL B 85 -0.70 0.49 -7.23
CA VAL B 85 -1.71 -0.44 -6.77
C VAL B 85 -1.09 -1.82 -6.67
N LEU B 86 -1.33 -2.53 -5.57
CA LEU B 86 -0.90 -3.92 -5.46
C LEU B 86 -2.12 -4.84 -5.48
N VAL B 87 -2.06 -5.86 -6.33
CA VAL B 87 -3.18 -6.77 -6.56
C VAL B 87 -2.71 -8.22 -6.37
N LEU B 88 -3.44 -8.98 -5.56
CA LEU B 88 -3.05 -10.35 -5.25
C LEU B 88 -4.18 -11.30 -5.56
N ASP B 89 -3.99 -12.11 -6.58
CA ASP B 89 -5.05 -12.98 -7.10
C ASP B 89 -6.28 -12.18 -7.50
N GLY B 90 -6.06 -11.09 -8.23
CA GLY B 90 -7.15 -10.28 -8.79
C GLY B 90 -7.89 -9.35 -7.82
N VAL B 91 -7.43 -9.30 -6.57
CA VAL B 91 -8.05 -8.51 -5.53
C VAL B 91 -7.02 -7.49 -5.07
N ILE B 92 -7.45 -6.24 -4.93
CA ILE B 92 -6.62 -5.11 -4.51
C ILE B 92 -6.14 -5.32 -3.09
N GLN B 93 -4.83 -5.34 -2.95
CA GLN B 93 -4.19 -5.50 -1.66
C GLN B 93 -4.05 -4.15 -0.97
N LEU B 94 -3.50 -3.18 -1.70
CA LEU B 94 -3.40 -1.82 -1.21
C LEU B 94 -3.27 -0.86 -2.37
N THR B 95 -3.49 0.43 -2.13
CA THR B 95 -3.03 1.49 -3.02
C THR B 95 -2.31 2.54 -2.15
N GLU B 96 -1.44 3.34 -2.75
CA GLU B 96 -0.76 4.42 -2.01
C GLU B 96 -1.72 5.51 -1.51
N LYS B 97 -2.78 5.77 -2.28
CA LYS B 97 -3.73 6.82 -1.94
C LYS B 97 -4.42 6.56 -0.62
N ASP B 98 -4.76 5.32 -0.32
CA ASP B 98 -5.60 5.11 0.88
C ASP B 98 -5.07 4.17 1.94
N GLU B 99 -3.97 3.48 1.65
CA GLU B 99 -3.49 2.42 2.52
C GLU B 99 -3.26 2.90 3.98
N PHE B 100 -3.01 4.19 4.21
CA PHE B 100 -2.70 4.72 5.60
C PHE B 100 -3.89 4.61 6.57
N ALA B 101 -5.08 4.55 6.01
CA ALA B 101 -6.31 4.48 6.81
C ALA B 101 -6.40 3.14 7.54
N TYR B 102 -6.26 2.06 6.77
CA TYR B 102 -6.20 0.71 7.29
C TYR B 102 -4.99 0.47 8.19
N HIS B 103 -3.80 0.86 7.73
CA HIS B 103 -2.59 0.55 8.45
C HIS B 103 -2.48 1.34 9.75
N GLU B 104 -2.94 2.60 9.78
CA GLU B 104 -2.96 3.38 11.05
C GLU B 104 -3.97 2.91 12.08
N MET B 105 -5.19 2.61 11.62
CA MET B 105 -6.26 2.14 12.52
C MET B 105 -6.02 0.74 13.10
N MET B 106 -5.53 -0.18 12.28
CA MET B 106 -5.13 -1.51 12.77
C MET B 106 -4.00 -1.43 13.79
N THR B 107 -3.08 -0.48 13.64
CA THR B 107 -1.91 -0.43 14.49
C THR B 107 -2.16 0.38 15.77
N HIS B 108 -2.69 1.58 15.61
CA HIS B 108 -2.77 2.52 16.71
C HIS B 108 -3.90 2.27 17.68
N VAL B 109 -4.94 1.61 17.21
CA VAL B 109 -5.95 1.18 18.13
C VAL B 109 -5.38 0.29 19.23
N PRO B 110 -4.77 -0.87 18.90
CA PRO B 110 -4.27 -1.70 20.00
C PRO B 110 -3.04 -1.09 20.70
N MET B 111 -2.22 -0.36 19.95
CA MET B 111 -0.97 0.11 20.51
C MET B 111 -1.10 1.30 21.44
N THR B 112 -2.16 2.08 21.31
CA THR B 112 -2.45 3.17 22.26
C THR B 112 -3.20 2.71 23.51
N VAL B 113 -3.63 1.45 23.52
CA VAL B 113 -4.32 0.87 24.66
C VAL B 113 -3.33 0.03 25.46
N SER B 114 -2.50 -0.74 24.75
CA SER B 114 -1.40 -1.51 25.34
C SER B 114 -0.43 -0.61 26.11
N LYS B 115 -0.22 -0.91 27.39
CA LYS B 115 0.79 -0.18 28.18
C LYS B 115 2.18 -0.78 27.93
N GLU B 116 3.09 0.10 27.49
CA GLU B 116 4.44 -0.29 27.06
C GLU B 116 4.56 -1.69 26.43
N PRO B 117 3.96 -1.88 25.23
CA PRO B 117 4.16 -3.11 24.48
C PRO B 117 5.64 -3.31 24.12
N LYS B 118 6.16 -4.51 24.33
CA LYS B 118 7.58 -4.77 24.04
C LYS B 118 7.73 -5.68 22.83
N ASN B 119 6.83 -6.65 22.73
CA ASN B 119 6.88 -7.62 21.66
C ASN B 119 5.62 -7.56 20.86
N VAL B 120 5.74 -7.43 19.55
CA VAL B 120 4.57 -7.34 18.68
C VAL B 120 4.68 -8.28 17.50
N LEU B 121 3.59 -8.96 17.20
CA LEU B 121 3.57 -9.84 16.05
C LEU B 121 2.60 -9.36 15.02
N VAL B 122 3.06 -9.30 13.77
CA VAL B 122 2.19 -9.07 12.62
C VAL B 122 2.02 -10.38 11.86
N VAL B 123 0.78 -10.83 11.69
CA VAL B 123 0.50 -12.01 10.88
C VAL B 123 0.05 -11.55 9.48
N GLY B 124 0.71 -12.03 8.42
CA GLY B 124 0.49 -11.53 7.06
C GLY B 124 1.19 -10.19 6.92
N GLY B 125 0.68 -9.33 6.04
CA GLY B 125 1.20 -7.98 5.91
C GLY B 125 2.64 -7.87 5.39
N GLY B 126 2.97 -8.74 4.44
CA GLY B 126 4.25 -8.70 3.73
C GLY B 126 4.53 -7.32 3.17
N ASP B 127 3.46 -6.56 2.90
CA ASP B 127 3.62 -5.22 2.36
C ASP B 127 4.37 -4.25 3.30
N GLY B 128 4.40 -4.51 4.60
CA GLY B 128 5.13 -3.61 5.52
C GLY B 128 4.37 -2.45 6.16
N GLY B 129 3.13 -2.25 5.74
CA GLY B 129 2.34 -1.11 6.22
C GLY B 129 2.18 -1.06 7.75
N ILE B 130 1.80 -2.18 8.35
CA ILE B 130 1.66 -2.28 9.81
C ILE B 130 3.03 -2.08 10.52
N ILE B 131 4.09 -2.67 9.97
CA ILE B 131 5.46 -2.55 10.49
C ILE B 131 5.87 -1.11 10.54
N ARG B 132 5.68 -0.41 9.42
CA ARG B 132 5.90 1.04 9.36
C ARG B 132 5.31 1.79 10.53
N GLU B 133 4.04 1.50 10.83
CA GLU B 133 3.35 2.15 11.94
C GLU B 133 3.88 1.72 13.32
N LEU B 134 4.21 0.43 13.46
CA LEU B 134 4.73 -0.09 14.74
C LEU B 134 6.08 0.49 15.09
N CYS B 135 6.87 0.71 14.05
CA CYS B 135 8.22 1.23 14.18
C CYS B 135 8.29 2.58 14.89
N LYS B 136 7.14 3.24 15.06
CA LYS B 136 7.04 4.58 15.60
C LYS B 136 7.04 4.56 17.11
N TYR B 137 6.81 3.39 17.70
CA TYR B 137 6.80 3.23 19.16
C TYR B 137 8.20 2.85 19.59
N LYS B 138 8.88 3.78 20.23
CA LYS B 138 10.23 3.50 20.74
C LYS B 138 10.28 2.42 21.82
N SER B 139 9.20 2.27 22.58
CA SER B 139 9.11 1.24 23.63
C SER B 139 9.20 -0.22 23.10
N VAL B 140 8.82 -0.44 21.83
CA VAL B 140 8.82 -1.78 21.26
C VAL B 140 10.27 -2.30 21.11
N GLU B 141 10.49 -3.56 21.45
CA GLU B 141 11.80 -4.15 21.40
C GLU B 141 11.90 -5.08 20.21
N ASN B 142 10.84 -5.84 19.97
CA ASN B 142 10.81 -6.82 18.88
C ASN B 142 9.56 -6.70 18.06
N ILE B 143 9.72 -6.60 16.74
CA ILE B 143 8.61 -6.62 15.81
C ILE B 143 8.74 -7.87 14.96
N ASP B 144 8.01 -8.91 15.33
CA ASP B 144 8.08 -10.16 14.61
C ASP B 144 7.00 -10.12 13.53
N ILE B 145 7.32 -10.60 12.33
CA ILE B 145 6.32 -10.68 11.26
C ILE B 145 6.36 -12.02 10.57
N CYS B 146 5.18 -12.56 10.29
CA CYS B 146 5.04 -13.86 9.68
C CYS B 146 4.32 -13.74 8.33
N GLU B 147 5.09 -13.75 7.24
CA GLU B 147 4.54 -13.70 5.87
C GLU B 147 4.96 -14.92 5.03
N ILE B 148 3.98 -15.65 4.51
CA ILE B 148 4.29 -16.88 3.79
C ILE B 148 4.92 -16.63 2.41
N ASP B 149 4.71 -15.44 1.85
CA ASP B 149 5.10 -15.16 0.48
C ASP B 149 6.15 -14.06 0.41
N GLU B 150 7.40 -14.48 0.21
CA GLU B 150 8.54 -13.58 0.14
C GLU B 150 8.46 -12.61 -1.02
N THR B 151 7.79 -13.04 -2.09
CA THR B 151 7.61 -12.19 -3.29
C THR B 151 6.89 -10.90 -2.96
N VAL B 152 5.91 -10.96 -2.05
CA VAL B 152 5.14 -9.77 -1.62
C VAL B 152 6.05 -8.76 -0.93
N ILE B 153 6.98 -9.23 -0.12
CA ILE B 153 7.93 -8.34 0.57
C ILE B 153 8.86 -7.61 -0.41
N GLU B 154 9.45 -8.38 -1.32
CA GLU B 154 10.34 -7.83 -2.37
C GLU B 154 9.68 -6.75 -3.21
N VAL B 155 8.51 -7.09 -3.76
CA VAL B 155 7.67 -6.17 -4.53
C VAL B 155 7.34 -4.89 -3.74
N SER B 156 6.95 -5.04 -2.48
CA SER B 156 6.68 -3.90 -1.62
C SER B 156 7.94 -3.07 -1.46
N LYS B 157 9.08 -3.74 -1.32
CA LYS B 157 10.38 -3.05 -1.17
C LYS B 157 10.84 -2.25 -2.40
N ILE B 158 10.47 -2.73 -3.58
CA ILE B 158 10.84 -2.06 -4.82
C ILE B 158 9.82 -0.98 -5.22
N TYR B 159 8.54 -1.35 -5.30
CA TYR B 159 7.55 -0.44 -5.88
C TYR B 159 6.82 0.43 -4.87
N PHE B 160 6.95 0.13 -3.59
CA PHE B 160 6.19 0.81 -2.55
C PHE B 160 7.09 1.25 -1.39
N LYS B 161 8.09 2.07 -1.70
CA LYS B 161 9.10 2.52 -0.74
C LYS B 161 8.52 3.14 0.52
N ASN B 162 7.50 3.99 0.38
CA ASN B 162 6.83 4.67 1.52
C ASN B 162 6.07 3.74 2.45
N ILE B 163 5.71 2.56 1.95
CA ILE B 163 5.03 1.54 2.72
C ILE B 163 6.02 0.52 3.35
N SER B 164 7.02 0.09 2.59
CA SER B 164 7.94 -0.97 3.04
C SER B 164 9.16 -0.52 3.87
N CYS B 165 9.26 0.77 4.16
CA CYS B 165 10.44 1.36 4.84
C CYS B 165 10.74 0.86 6.26
N GLY B 166 9.75 0.23 6.90
CA GLY B 166 9.92 -0.27 8.26
C GLY B 166 10.81 -1.50 8.37
N TYR B 167 10.91 -2.25 7.26
CA TYR B 167 11.83 -3.37 7.12
C TYR B 167 13.29 -2.99 7.32
N GLU B 168 13.60 -1.69 7.22
CA GLU B 168 14.94 -1.17 7.52
C GLU B 168 15.20 -1.07 9.03
N ASP B 169 14.14 -1.13 9.83
CA ASP B 169 14.28 -1.03 11.29
C ASP B 169 14.85 -2.34 11.87
N LYS B 170 15.86 -2.21 12.72
CA LYS B 170 16.63 -3.38 13.18
C LYS B 170 15.87 -4.24 14.21
N ARG B 171 14.76 -3.72 14.73
CA ARG B 171 13.94 -4.55 15.61
C ARG B 171 13.02 -5.50 14.83
N VAL B 172 13.06 -5.44 13.49
CA VAL B 172 12.12 -6.23 12.66
C VAL B 172 12.68 -7.57 12.31
N ASN B 173 12.00 -8.63 12.72
CA ASN B 173 12.37 -9.97 12.36
C ASN B 173 11.35 -10.62 11.43
N VAL B 174 11.81 -11.06 10.27
CA VAL B 174 10.93 -11.62 9.22
C VAL B 174 10.98 -13.14 9.25
N PHE B 175 9.83 -13.78 9.38
CA PHE B 175 9.76 -15.22 9.30
C PHE B 175 8.87 -15.57 8.13
N ILE B 176 9.40 -16.34 7.19
CA ILE B 176 8.68 -16.76 5.99
C ILE B 176 8.03 -18.10 6.29
N GLU B 177 6.83 -18.06 6.83
CA GLU B 177 6.26 -19.23 7.47
C GLU B 177 4.75 -19.05 7.48
N ASP B 178 4.04 -20.18 7.50
CA ASP B 178 2.63 -20.21 7.83
C ASP B 178 2.41 -19.69 9.25
N ALA B 179 1.36 -18.89 9.42
CA ALA B 179 1.00 -18.31 10.72
C ALA B 179 0.58 -19.34 11.77
N SER B 180 -0.25 -20.30 11.37
CA SER B 180 -0.71 -21.36 12.28
C SER B 180 0.48 -22.12 12.81
N LYS B 181 1.42 -22.41 11.90
CA LYS B 181 2.70 -23.05 12.22
C LYS B 181 3.58 -22.22 13.18
N PHE B 182 3.78 -20.94 12.83
CA PHE B 182 4.57 -20.02 13.66
C PHE B 182 3.96 -19.85 15.04
N LEU B 183 2.64 -19.77 15.09
CA LEU B 183 1.96 -19.45 16.35
C LEU B 183 1.99 -20.57 17.39
N GLU B 184 1.88 -21.82 16.94
CA GLU B 184 1.97 -22.94 17.90
C GLU B 184 3.37 -23.04 18.54
N ASN B 185 4.34 -22.43 17.87
CA ASN B 185 5.71 -22.25 18.38
C ASN B 185 5.90 -21.19 19.47
N VAL B 186 4.91 -20.34 19.68
CA VAL B 186 5.01 -19.26 20.69
C VAL B 186 3.92 -19.30 21.79
N THR B 187 4.32 -18.98 23.02
CA THR B 187 3.41 -19.05 24.17
C THR B 187 3.72 -17.85 25.06
N ASN B 188 2.69 -17.20 25.57
CA ASN B 188 2.85 -16.15 26.57
C ASN B 188 3.93 -15.09 26.21
N THR B 189 3.87 -14.55 24.99
CA THR B 189 4.95 -13.70 24.46
C THR B 189 4.55 -12.27 24.03
N TYR B 190 3.50 -12.16 23.21
CA TYR B 190 3.21 -10.87 22.59
C TYR B 190 2.22 -10.05 23.37
N ASP B 191 2.50 -8.75 23.46
CA ASP B 191 1.58 -7.79 24.02
C ASP B 191 0.47 -7.44 23.00
N VAL B 192 0.79 -7.49 21.72
CA VAL B 192 -0.19 -7.21 20.63
C VAL B 192 0.07 -8.14 19.46
N ILE B 193 -1.00 -8.66 18.86
CA ILE B 193 -0.91 -9.46 17.64
C ILE B 193 -1.83 -8.82 16.63
N ILE B 194 -1.32 -8.43 15.48
CA ILE B 194 -2.13 -7.75 14.46
C ILE B 194 -2.23 -8.69 13.27
N VAL B 195 -3.44 -9.08 12.91
CA VAL B 195 -3.63 -10.07 11.85
C VAL B 195 -4.01 -9.33 10.58
N ASP B 196 -3.02 -9.10 9.73
CA ASP B 196 -3.24 -8.39 8.50
C ASP B 196 -3.49 -9.44 7.43
N SER B 197 -4.65 -10.09 7.47
CA SER B 197 -4.90 -11.18 6.57
C SER B 197 -6.30 -11.12 5.99
N SER B 198 -6.33 -11.02 4.67
CA SER B 198 -7.54 -10.95 3.84
C SER B 198 -8.77 -11.67 4.38
N ASN B 211 -9.61 -22.42 17.14
CA ASN B 211 -8.33 -23.10 16.85
C ASN B 211 -7.18 -22.09 16.63
N PHE B 212 -7.18 -21.44 15.46
CA PHE B 212 -6.27 -20.34 15.16
C PHE B 212 -6.26 -19.29 16.28
N TYR B 213 -7.44 -18.96 16.79
CA TYR B 213 -7.57 -17.97 17.85
C TYR B 213 -7.14 -18.45 19.23
N GLU B 214 -7.21 -19.78 19.44
CA GLU B 214 -6.64 -20.40 20.63
C GLU B 214 -5.15 -20.23 20.60
N LYS B 215 -4.57 -20.41 19.41
CA LYS B 215 -3.14 -20.12 19.17
C LYS B 215 -2.77 -18.67 19.43
N ILE B 216 -3.59 -17.74 18.93
CA ILE B 216 -3.42 -16.32 19.23
C ILE B 216 -3.54 -16.10 20.73
N TYR B 217 -4.60 -16.62 21.33
CA TYR B 217 -4.83 -16.47 22.75
C TYR B 217 -3.60 -16.96 23.52
N ASN B 218 -3.21 -18.21 23.25
CA ASN B 218 -2.05 -18.80 23.92
C ASN B 218 -0.78 -17.98 23.68
N ALA B 219 -0.58 -17.48 22.45
CA ALA B 219 0.63 -16.69 22.12
C ALA B 219 0.75 -15.33 22.81
N LEU B 220 -0.39 -14.75 23.19
CA LEU B 220 -0.43 -13.44 23.82
C LEU B 220 -0.06 -13.51 25.27
N LYS B 221 0.34 -12.37 25.83
CA LYS B 221 0.54 -12.25 27.26
C LYS B 221 -0.83 -12.23 27.99
N PRO B 222 -0.80 -12.37 29.33
CA PRO B 222 -2.06 -12.46 30.07
C PRO B 222 -2.98 -11.25 29.84
N ASN B 223 -2.38 -10.09 29.59
CA ASN B 223 -3.10 -8.84 29.39
C ASN B 223 -2.85 -8.25 28.00
N GLY B 224 -2.73 -9.11 26.99
CA GLY B 224 -2.42 -8.69 25.63
C GLY B 224 -3.62 -8.66 24.70
N TYR B 225 -3.42 -8.06 23.53
CA TYR B 225 -4.51 -7.74 22.62
C TYR B 225 -4.29 -8.31 21.22
N CYS B 226 -5.37 -8.74 20.59
CA CYS B 226 -5.28 -9.11 19.17
C CYS B 226 -6.29 -8.31 18.37
N VAL B 227 -5.85 -7.69 17.27
CA VAL B 227 -6.79 -7.10 16.31
C VAL B 227 -6.63 -7.82 14.99
N ALA B 228 -7.73 -8.03 14.28
CA ALA B 228 -7.71 -8.85 13.06
C ALA B 228 -8.61 -8.26 12.00
N GLN B 229 -8.17 -8.26 10.75
CA GLN B 229 -9.04 -7.83 9.66
C GLN B 229 -10.32 -8.67 9.69
N CYS B 230 -11.47 -8.01 9.63
CA CYS B 230 -12.70 -8.75 9.76
C CYS B 230 -13.85 -8.17 8.95
N GLU B 231 -13.79 -8.27 7.62
CA GLU B 231 -14.95 -8.08 6.76
C GLU B 231 -15.50 -6.66 6.71
N SER B 232 -16.43 -6.46 5.76
CA SER B 232 -17.20 -5.23 5.62
C SER B 232 -18.62 -5.47 6.14
N LEU B 233 -19.10 -4.56 7.00
CA LEU B 233 -20.46 -4.72 7.53
C LEU B 233 -21.55 -4.62 6.45
N TRP B 234 -21.17 -4.23 5.23
CA TRP B 234 -22.13 -4.06 4.14
C TRP B 234 -22.35 -5.32 3.34
N ILE B 235 -21.51 -6.33 3.54
CA ILE B 235 -21.63 -7.56 2.77
C ILE B 235 -21.55 -8.84 3.57
N HIS B 236 -20.86 -8.86 4.71
CA HIS B 236 -20.70 -10.15 5.41
C HIS B 236 -20.93 -10.12 6.92
N VAL B 237 -22.14 -9.67 7.30
CA VAL B 237 -22.60 -9.60 8.69
C VAL B 237 -22.67 -10.99 9.36
N GLY B 238 -23.07 -12.02 8.61
CA GLY B 238 -23.06 -13.40 9.10
C GLY B 238 -21.66 -13.80 9.55
N THR B 239 -20.69 -13.59 8.68
CA THR B 239 -19.28 -13.83 9.02
C THR B 239 -18.79 -13.05 10.25
N ILE B 240 -19.10 -11.76 10.34
CA ILE B 240 -18.70 -10.93 11.48
C ILE B 240 -19.22 -11.49 12.81
N LYS B 241 -20.47 -11.96 12.83
CA LYS B 241 -21.05 -12.60 14.00
C LYS B 241 -20.41 -13.93 14.35
N ASN B 242 -20.20 -14.80 13.36
CA ASN B 242 -19.40 -16.02 13.58
C ASN B 242 -18.06 -15.72 14.26
N MET B 243 -17.37 -14.69 13.77
CA MET B 243 -16.04 -14.35 14.27
C MET B 243 -16.13 -13.85 15.70
N ILE B 244 -17.05 -12.92 15.96
CA ILE B 244 -17.31 -12.45 17.31
C ILE B 244 -17.74 -13.62 18.21
N GLY B 245 -18.54 -14.53 17.65
CA GLY B 245 -18.95 -15.75 18.32
C GLY B 245 -17.79 -16.63 18.76
N TYR B 246 -16.98 -17.08 17.79
CA TYR B 246 -15.78 -17.88 18.09
C TYR B 246 -14.94 -17.17 19.15
N ALA B 247 -14.57 -15.91 18.89
CA ALA B 247 -13.61 -15.19 19.73
C ALA B 247 -14.08 -15.03 21.18
N LYS B 248 -15.39 -14.87 21.37
CA LYS B 248 -15.97 -14.63 22.69
C LYS B 248 -15.83 -15.82 23.65
N LYS B 249 -15.63 -17.01 23.06
CA LYS B 249 -15.39 -18.27 23.78
C LYS B 249 -14.03 -18.25 24.46
N LEU B 250 -13.15 -17.39 23.95
CA LEU B 250 -11.77 -17.35 24.38
C LEU B 250 -11.45 -16.07 25.10
N PHE B 251 -11.82 -14.94 24.48
CA PHE B 251 -11.45 -13.64 24.99
C PHE B 251 -12.57 -13.05 25.81
N LYS B 252 -12.18 -12.36 26.88
CA LYS B 252 -13.11 -11.78 27.81
C LYS B 252 -13.89 -10.64 27.18
N LYS B 253 -13.21 -9.82 26.38
CA LYS B 253 -13.85 -8.74 25.63
C LYS B 253 -13.57 -8.85 24.12
N VAL B 254 -14.62 -8.72 23.31
CA VAL B 254 -14.51 -8.77 21.83
C VAL B 254 -15.35 -7.62 21.34
N GLU B 255 -14.76 -6.77 20.49
CA GLU B 255 -15.34 -5.49 20.05
C GLU B 255 -15.06 -5.37 18.56
N TYR B 256 -15.82 -4.56 17.83
CA TYR B 256 -15.67 -4.48 16.37
C TYR B 256 -15.60 -3.02 15.92
N ALA B 257 -14.62 -2.66 15.09
CA ALA B 257 -14.55 -1.29 14.54
C ALA B 257 -14.64 -1.30 13.01
N ASN B 258 -15.06 -0.16 12.41
CA ASN B 258 -15.03 0.07 10.94
C ASN B 258 -14.02 1.18 10.62
N ILE B 259 -13.44 1.07 9.42
CA ILE B 259 -12.47 2.05 8.90
C ILE B 259 -12.98 2.32 7.51
N SER B 260 -12.99 3.59 7.14
CA SER B 260 -13.34 4.04 5.83
C SER B 260 -12.13 3.91 4.90
N ILE B 261 -12.28 3.19 3.79
CA ILE B 261 -11.17 3.01 2.84
C ILE B 261 -11.76 2.65 1.45
N PRO B 262 -11.61 3.55 0.48
CA PRO B 262 -12.33 3.46 -0.76
C PRO B 262 -11.98 2.22 -1.60
N THR B 263 -10.74 1.74 -1.51
CA THR B 263 -10.28 0.59 -2.30
C THR B 263 -10.53 -0.82 -1.71
N TYR B 264 -11.11 -0.93 -0.52
CA TYR B 264 -11.63 -2.20 0.00
C TYR B 264 -13.13 -2.30 -0.46
N PRO B 265 -13.61 -3.51 -0.83
CA PRO B 265 -15.02 -3.68 -1.19
C PRO B 265 -16.03 -3.05 -0.22
N CYS B 266 -16.96 -2.33 -0.81
CA CYS B 266 -17.99 -1.57 -0.07
C CYS B 266 -17.46 -0.30 0.59
N GLY B 267 -16.17 -0.05 0.42
CA GLY B 267 -15.58 1.22 0.81
C GLY B 267 -15.19 1.23 2.28
N CYS B 268 -15.15 0.06 2.91
CA CYS B 268 -14.82 -0.04 4.34
C CYS B 268 -14.40 -1.48 4.69
N ILE B 269 -13.75 -1.62 5.85
CA ILE B 269 -13.24 -2.85 6.34
C ILE B 269 -13.22 -2.76 7.87
N GLY B 270 -13.48 -3.89 8.54
CA GLY B 270 -13.59 -3.97 10.00
C GLY B 270 -12.41 -4.56 10.73
N ILE B 271 -12.36 -4.32 12.04
CA ILE B 271 -11.37 -4.93 12.89
C ILE B 271 -12.08 -5.66 14.00
N LEU B 272 -11.81 -6.96 14.13
CA LEU B 272 -12.17 -7.71 15.30
C LEU B 272 -11.16 -7.39 16.39
N CYS B 273 -11.63 -6.95 17.54
CA CYS B 273 -10.75 -6.43 18.60
C CYS B 273 -10.90 -7.27 19.86
N CYS B 274 -9.89 -8.12 20.09
CA CYS B 274 -9.94 -9.09 21.16
C CYS B 274 -9.05 -8.67 22.35
N SER B 275 -9.64 -8.63 23.55
CA SER B 275 -8.91 -8.36 24.80
C SER B 275 -9.02 -9.50 25.82
N LYS B 276 -7.93 -9.73 26.53
CA LYS B 276 -7.93 -10.73 27.60
C LYS B 276 -8.51 -10.10 28.86
N THR B 277 -8.40 -8.79 28.96
CA THR B 277 -8.97 -8.01 30.07
C THR B 277 -10.46 -7.72 29.83
N ASP B 278 -11.13 -7.18 30.85
CA ASP B 278 -12.53 -6.76 30.73
C ASP B 278 -12.70 -5.34 30.20
N THR B 279 -11.61 -4.56 30.25
CA THR B 279 -11.62 -3.14 29.84
C THR B 279 -11.74 -2.85 28.33
N GLY B 280 -11.19 -3.72 27.48
CA GLY B 280 -11.41 -3.64 26.04
C GLY B 280 -10.54 -2.66 25.29
N LEU B 281 -10.91 -2.41 24.04
CA LEU B 281 -10.06 -1.67 23.14
C LEU B 281 -10.57 -0.31 22.65
N THR B 282 -11.66 0.19 23.23
CA THR B 282 -12.33 1.38 22.73
C THR B 282 -11.76 2.72 23.19
N LYS B 283 -11.07 2.75 24.33
CA LYS B 283 -10.49 4.02 24.81
C LYS B 283 -8.99 3.92 24.72
N PRO B 284 -8.37 4.83 23.98
CA PRO B 284 -6.92 4.87 24.05
C PRO B 284 -6.43 5.26 25.47
N ASN B 285 -5.26 4.78 25.85
CA ASN B 285 -4.67 5.07 27.17
C ASN B 285 -3.54 6.08 27.08
N LYS B 286 -3.25 6.54 25.87
CA LYS B 286 -2.18 7.48 25.62
C LYS B 286 -2.50 8.31 24.37
N LYS B 287 -1.95 9.53 24.30
CA LYS B 287 -2.11 10.31 23.09
C LYS B 287 -0.80 10.24 22.38
N LEU B 288 -0.85 10.18 21.06
CA LEU B 288 0.32 9.97 20.25
C LEU B 288 0.94 11.32 19.96
N GLU B 289 1.62 11.86 20.97
CA GLU B 289 2.06 13.24 20.91
C GLU B 289 3.47 13.44 20.41
N SER B 290 4.29 12.38 20.47
CA SER B 290 5.70 12.44 20.01
C SER B 290 5.83 12.67 18.51
N LYS B 291 7.04 13.01 18.07
CA LYS B 291 7.25 13.48 16.69
C LYS B 291 7.18 12.39 15.60
N GLU B 292 7.34 11.12 15.98
CA GLU B 292 7.13 9.99 15.06
C GLU B 292 5.70 9.90 14.54
N PHE B 293 4.77 10.47 15.33
CA PHE B 293 3.33 10.45 15.05
C PHE B 293 2.74 11.73 14.45
N ALA B 294 3.57 12.76 14.26
CA ALA B 294 3.09 14.07 13.79
C ALA B 294 2.46 13.95 12.41
N ASP B 295 2.87 12.93 11.67
CA ASP B 295 2.51 12.73 10.29
C ASP B 295 1.24 11.93 10.07
N LEU B 296 0.53 11.53 11.13
CA LEU B 296 -0.59 10.61 10.92
C LEU B 296 -1.64 11.21 9.97
N LYS B 297 -2.10 10.43 9.00
CA LYS B 297 -3.09 10.92 8.05
C LYS B 297 -4.52 10.51 8.39
N TYR B 298 -4.70 9.56 9.30
CA TYR B 298 -6.06 9.14 9.63
C TYR B 298 -6.33 9.03 11.11
N TYR B 299 -5.65 8.12 11.78
CA TYR B 299 -5.86 7.93 13.23
C TYR B 299 -5.69 9.25 13.98
N ASN B 300 -6.57 9.48 14.95
CA ASN B 300 -6.32 10.40 16.06
C ASN B 300 -7.07 9.92 17.30
N TYR B 301 -6.76 10.52 18.45
CA TYR B 301 -7.38 10.16 19.73
C TYR B 301 -8.92 10.01 19.66
N GLU B 302 -9.58 10.93 18.99
CA GLU B 302 -11.02 10.94 19.01
C GLU B 302 -11.66 9.95 18.05
N ASN B 303 -11.06 9.73 16.89
CA ASN B 303 -11.70 8.83 15.95
C ASN B 303 -11.42 7.35 16.25
N HIS B 304 -10.56 7.10 17.24
CA HIS B 304 -10.32 5.77 17.81
C HIS B 304 -11.61 5.20 18.40
N SER B 305 -12.18 5.91 19.37
CA SER B 305 -13.47 5.54 19.96
C SER B 305 -14.57 5.58 18.92
N ALA B 306 -14.56 6.61 18.08
CA ALA B 306 -15.61 6.81 17.10
C ALA B 306 -15.77 5.60 16.19
N ALA B 307 -14.68 4.89 15.89
CA ALA B 307 -14.75 3.77 14.94
C ALA B 307 -15.52 2.58 15.50
N PHE B 308 -15.69 2.51 16.83
CA PHE B 308 -16.41 1.40 17.47
C PHE B 308 -17.90 1.71 17.57
N LYS B 309 -18.28 2.93 17.16
CA LYS B 309 -19.69 3.33 17.09
C LYS B 309 -20.32 2.96 15.72
N LEU B 310 -21.09 1.87 15.72
CA LEU B 310 -21.46 1.16 14.49
C LEU B 310 -22.90 1.35 14.07
N PRO B 311 -23.21 1.19 12.74
CA PRO B 311 -24.58 1.37 12.29
C PRO B 311 -25.51 0.55 13.16
N ALA B 312 -26.73 1.03 13.42
CA ALA B 312 -27.67 0.26 14.24
C ALA B 312 -27.98 -1.13 13.76
N PHE B 313 -28.13 -1.33 12.45
CA PHE B 313 -28.45 -2.69 11.96
C PHE B 313 -27.38 -3.72 12.37
N LEU B 314 -26.11 -3.32 12.43
CA LEU B 314 -25.03 -4.23 12.86
C LEU B 314 -25.04 -4.44 14.37
N LEU B 315 -25.26 -3.35 15.11
CA LEU B 315 -25.43 -3.43 16.55
C LEU B 315 -26.49 -4.47 16.96
N LYS B 316 -27.64 -4.43 16.30
CA LYS B 316 -28.72 -5.38 16.54
C LYS B 316 -28.23 -6.84 16.37
N GLU B 317 -27.55 -7.11 15.25
CA GLU B 317 -27.04 -8.45 14.95
C GLU B 317 -25.99 -8.97 15.95
N ILE B 318 -25.10 -8.10 16.40
CA ILE B 318 -23.95 -8.54 17.22
C ILE B 318 -24.20 -8.44 18.72
N GLU B 319 -25.40 -8.02 19.11
CA GLU B 319 -25.91 -8.27 20.46
C GLU B 319 -26.54 -9.66 20.46
N ASN B 320 -27.55 -9.84 19.61
CA ASN B 320 -28.24 -11.12 19.42
C ASN B 320 -27.97 -11.76 18.05
N LYS C 41 -25.12 -12.06 -17.64
CA LYS C 41 -25.95 -10.80 -17.56
C LYS C 41 -25.17 -9.55 -17.98
N LYS C 42 -25.84 -8.40 -17.97
CA LYS C 42 -25.17 -7.14 -18.24
C LYS C 42 -24.73 -6.47 -16.93
N TRP C 43 -23.74 -5.57 -17.03
CA TRP C 43 -23.27 -4.80 -15.89
C TRP C 43 -23.57 -3.33 -16.10
N PHE C 44 -24.12 -2.68 -15.09
CA PHE C 44 -24.13 -1.22 -15.11
C PHE C 44 -22.86 -0.68 -14.41
N SER C 45 -22.15 0.23 -15.06
CA SER C 45 -20.92 0.81 -14.51
C SER C 45 -21.02 2.32 -14.45
N GLU C 46 -20.51 2.89 -13.35
CA GLU C 46 -20.70 4.30 -13.05
C GLU C 46 -19.40 5.07 -13.20
N PHE C 47 -19.19 5.66 -14.38
CA PHE C 47 -18.06 6.56 -14.64
C PHE C 47 -18.49 8.00 -14.50
N SER C 48 -17.53 8.88 -14.18
CA SER C 48 -17.74 10.34 -14.17
C SER C 48 -16.40 11.05 -14.14
N ILE C 49 -16.35 12.23 -14.75
CA ILE C 49 -15.19 13.14 -14.69
C ILE C 49 -15.01 13.75 -13.30
N MET C 50 -16.00 13.53 -12.43
CA MET C 50 -15.99 13.99 -11.05
C MET C 50 -15.16 13.02 -10.21
N TRP C 51 -15.08 11.78 -10.65
CA TRP C 51 -14.19 10.79 -10.04
C TRP C 51 -13.42 10.04 -11.14
N PRO C 52 -12.44 10.73 -11.75
CA PRO C 52 -11.78 10.05 -12.87
C PRO C 52 -10.80 9.01 -12.30
N GLY C 53 -10.58 7.96 -13.07
CA GLY C 53 -9.65 6.91 -12.68
C GLY C 53 -10.30 5.78 -11.94
N GLN C 54 -11.58 5.92 -11.61
CA GLN C 54 -12.30 4.86 -10.89
C GLN C 54 -13.71 4.66 -11.37
N ALA C 55 -14.31 3.53 -11.02
CA ALA C 55 -15.69 3.23 -11.40
C ALA C 55 -16.28 2.15 -10.52
N PHE C 56 -17.55 2.27 -10.22
CA PHE C 56 -18.27 1.25 -9.51
C PHE C 56 -19.28 0.64 -10.49
N SER C 57 -19.47 -0.68 -10.40
CA SER C 57 -20.34 -1.41 -11.33
C SER C 57 -21.24 -2.32 -10.54
N LEU C 58 -22.49 -2.42 -10.94
CA LEU C 58 -23.41 -3.34 -10.33
C LEU C 58 -23.98 -4.27 -11.42
N LYS C 59 -24.11 -5.57 -11.12
CA LYS C 59 -24.74 -6.52 -12.04
C LYS C 59 -26.25 -6.29 -12.10
N ILE C 60 -26.80 -6.29 -13.32
CA ILE C 60 -28.22 -6.01 -13.59
C ILE C 60 -29.08 -7.28 -13.62
N LYS C 61 -30.08 -7.38 -12.73
CA LYS C 61 -31.03 -8.49 -12.83
C LYS C 61 -31.95 -8.26 -14.04
N LYS C 62 -32.67 -7.14 -14.05
CA LYS C 62 -33.35 -6.65 -15.26
C LYS C 62 -33.59 -5.14 -15.19
N ILE C 63 -33.53 -4.50 -16.36
CA ILE C 63 -33.89 -3.08 -16.51
C ILE C 63 -35.40 -2.89 -16.42
N LEU C 64 -35.82 -1.92 -15.61
CA LEU C 64 -37.23 -1.74 -15.33
C LEU C 64 -37.81 -0.52 -16.03
N TYR C 65 -36.96 0.42 -16.42
CA TYR C 65 -37.44 1.71 -16.89
C TYR C 65 -36.28 2.61 -17.29
N GLU C 66 -36.38 3.18 -18.48
CA GLU C 66 -35.46 4.23 -18.93
C GLU C 66 -36.25 5.35 -19.59
N THR C 67 -35.75 6.58 -19.46
CA THR C 67 -36.36 7.74 -20.12
C THR C 67 -35.51 8.99 -19.96
N LYS C 68 -35.71 9.94 -20.87
CA LYS C 68 -35.13 11.26 -20.73
C LYS C 68 -36.22 12.24 -20.29
N SER C 69 -36.04 12.85 -19.13
CA SER C 69 -36.97 13.87 -18.64
C SER C 69 -36.53 15.22 -19.18
N LYS C 70 -37.29 16.27 -18.87
CA LYS C 70 -36.87 17.64 -19.24
C LYS C 70 -35.43 17.95 -18.80
N TYR C 71 -34.95 17.30 -17.73
CA TYR C 71 -33.69 17.69 -17.07
C TYR C 71 -32.53 16.68 -17.13
N GLN C 72 -32.84 15.40 -17.31
CA GLN C 72 -31.82 14.35 -17.17
C GLN C 72 -32.29 12.97 -17.61
N ASN C 73 -31.32 12.11 -17.92
CA ASN C 73 -31.61 10.70 -18.14
C ASN C 73 -31.93 9.99 -16.84
N VAL C 74 -32.98 9.16 -16.90
CA VAL C 74 -33.48 8.43 -15.76
C VAL C 74 -33.47 6.96 -16.11
N LEU C 75 -32.75 6.18 -15.31
CA LEU C 75 -32.73 4.73 -15.43
C LEU C 75 -33.03 4.06 -14.09
N VAL C 76 -33.98 3.13 -14.10
CA VAL C 76 -34.23 2.25 -12.96
C VAL C 76 -33.99 0.83 -13.42
N PHE C 77 -33.16 0.12 -12.68
CA PHE C 77 -32.99 -1.30 -12.96
C PHE C 77 -33.00 -2.08 -11.65
N GLU C 78 -33.27 -3.36 -11.75
CA GLU C 78 -33.08 -4.23 -10.61
C GLU C 78 -31.67 -4.80 -10.68
N SER C 79 -30.91 -4.66 -9.58
CA SER C 79 -29.54 -5.19 -9.52
C SER C 79 -29.63 -6.58 -8.93
N THR C 80 -28.58 -7.39 -9.10
CA THR C 80 -28.62 -8.72 -8.51
C THR C 80 -28.50 -8.72 -6.98
N THR C 81 -27.75 -7.77 -6.39
CA THR C 81 -27.52 -7.82 -4.93
C THR C 81 -27.87 -6.57 -4.10
N TYR C 82 -28.20 -5.47 -4.76
CA TYR C 82 -28.55 -4.21 -4.13
C TYR C 82 -30.02 -3.80 -4.36
N GLY C 83 -30.84 -4.76 -4.81
CA GLY C 83 -32.25 -4.46 -5.14
C GLY C 83 -32.35 -3.48 -6.28
N LYS C 84 -33.42 -2.70 -6.30
CA LYS C 84 -33.63 -1.70 -7.34
C LYS C 84 -32.71 -0.48 -7.21
N VAL C 85 -32.31 0.05 -8.37
CA VAL C 85 -31.33 1.11 -8.43
C VAL C 85 -31.86 2.25 -9.28
N LEU C 86 -31.81 3.45 -8.71
CA LEU C 86 -32.15 4.63 -9.45
C LEU C 86 -30.88 5.34 -9.88
N VAL C 87 -30.75 5.45 -11.20
CA VAL C 87 -29.63 6.12 -11.84
C VAL C 87 -30.10 7.39 -12.58
N LEU C 88 -29.48 8.52 -12.26
CA LEU C 88 -29.80 9.79 -12.90
C LEU C 88 -28.56 10.38 -13.54
N ASP C 89 -28.60 10.54 -14.86
CA ASP C 89 -27.48 10.98 -15.68
C ASP C 89 -26.25 10.07 -15.56
N GLY C 90 -26.50 8.76 -15.47
CA GLY C 90 -25.43 7.77 -15.33
C GLY C 90 -24.82 7.65 -13.94
N VAL C 91 -25.38 8.37 -12.97
CA VAL C 91 -24.88 8.37 -11.60
C VAL C 91 -25.92 7.76 -10.65
N ILE C 92 -25.47 6.92 -9.73
CA ILE C 92 -26.40 6.24 -8.83
C ILE C 92 -26.95 7.26 -7.85
N GLN C 93 -28.27 7.37 -7.85
CA GLN C 93 -28.99 8.21 -6.91
C GLN C 93 -29.21 7.47 -5.62
N LEU C 94 -29.58 6.20 -5.77
CA LEU C 94 -29.86 5.37 -4.63
C LEU C 94 -30.01 3.91 -5.02
N THR C 95 -29.86 3.06 -4.00
CA THR C 95 -30.16 1.64 -4.12
C THR C 95 -31.00 1.28 -2.92
N GLU C 96 -31.87 0.31 -3.10
CA GLU C 96 -32.67 -0.18 -2.00
C GLU C 96 -31.88 -0.63 -0.77
N LYS C 97 -30.71 -1.22 -0.98
CA LYS C 97 -29.99 -1.89 0.10
C LYS C 97 -29.39 -0.89 1.10
N ASP C 98 -28.90 0.24 0.62
CA ASP C 98 -28.10 1.11 1.47
C ASP C 98 -28.68 2.52 1.64
N GLU C 99 -29.78 2.84 0.96
CA GLU C 99 -30.33 4.21 1.01
C GLU C 99 -30.59 4.74 2.43
N PHE C 100 -30.93 3.84 3.34
CA PHE C 100 -31.25 4.22 4.71
C PHE C 100 -30.08 4.92 5.44
N ALA C 101 -28.83 4.59 5.10
CA ALA C 101 -27.67 5.19 5.81
C ALA C 101 -27.64 6.69 5.55
N TYR C 102 -27.85 7.05 4.29
CA TYR C 102 -27.79 8.44 3.84
C TYR C 102 -29.00 9.24 4.31
N HIS C 103 -30.19 8.71 4.01
CA HIS C 103 -31.44 9.36 4.32
C HIS C 103 -31.67 9.51 5.82
N GLU C 104 -31.22 8.54 6.59
CA GLU C 104 -31.31 8.64 8.06
C GLU C 104 -30.35 9.66 8.63
N MET C 105 -29.11 9.70 8.14
CA MET C 105 -28.11 10.55 8.79
C MET C 105 -28.33 12.03 8.46
N MET C 106 -28.67 12.31 7.22
CA MET C 106 -29.12 13.63 6.77
C MET C 106 -30.33 14.22 7.48
N THR C 107 -31.26 13.36 7.88
CA THR C 107 -32.47 13.82 8.52
C THR C 107 -32.31 13.94 10.05
N HIS C 108 -31.81 12.90 10.69
CA HIS C 108 -31.96 12.77 12.13
C HIS C 108 -30.82 13.50 12.85
N VAL C 109 -29.77 13.84 12.10
CA VAL C 109 -28.73 14.70 12.62
C VAL C 109 -29.33 16.08 12.97
N PRO C 110 -29.87 16.81 11.98
CA PRO C 110 -30.46 18.10 12.40
C PRO C 110 -31.78 17.98 13.19
N MET C 111 -32.59 16.96 12.87
CA MET C 111 -33.89 16.80 13.52
C MET C 111 -33.81 16.44 15.02
N THR C 112 -32.68 15.92 15.48
CA THR C 112 -32.51 15.62 16.93
C THR C 112 -31.76 16.72 17.65
N VAL C 113 -31.20 17.66 16.89
CA VAL C 113 -30.60 18.82 17.52
C VAL C 113 -31.66 19.93 17.67
N SER C 114 -32.42 20.18 16.60
CA SER C 114 -33.51 21.14 16.67
C SER C 114 -34.47 20.72 17.77
N LYS C 115 -34.74 21.62 18.70
CA LYS C 115 -35.47 21.27 19.93
C LYS C 115 -36.88 20.82 19.59
N GLU C 116 -37.61 21.65 18.85
CA GLU C 116 -39.00 21.34 18.51
C GLU C 116 -39.33 21.74 17.06
N PRO C 117 -38.69 21.06 16.09
CA PRO C 117 -38.89 21.46 14.70
C PRO C 117 -40.36 21.26 14.32
N LYS C 118 -40.94 22.27 13.67
CA LYS C 118 -42.34 22.25 13.25
C LYS C 118 -42.44 22.33 11.75
N ASN C 119 -41.57 23.16 11.15
CA ASN C 119 -41.59 23.40 9.71
C ASN C 119 -40.24 23.09 9.06
N VAL C 120 -40.26 22.26 8.00
CA VAL C 120 -39.03 21.77 7.36
C VAL C 120 -39.11 21.84 5.83
N LEU C 121 -37.97 22.19 5.22
CA LEU C 121 -37.84 22.19 3.76
C LEU C 121 -36.81 21.15 3.31
N VAL C 122 -37.17 20.40 2.29
CA VAL C 122 -36.24 19.55 1.60
C VAL C 122 -36.03 20.13 0.20
N VAL C 123 -34.77 20.45 -0.12
CA VAL C 123 -34.38 20.92 -1.45
C VAL C 123 -33.86 19.72 -2.26
N GLY C 124 -34.40 19.51 -3.46
CA GLY C 124 -34.11 18.26 -4.18
C GLY C 124 -34.78 17.12 -3.45
N GLY C 125 -34.19 15.93 -3.44
CA GLY C 125 -34.78 14.78 -2.71
C GLY C 125 -36.06 14.23 -3.35
N GLY C 126 -36.09 14.21 -4.68
CA GLY C 126 -37.27 13.76 -5.40
C GLY C 126 -37.75 12.41 -4.94
N ASP C 127 -36.84 11.46 -4.83
CA ASP C 127 -37.13 10.14 -4.39
C ASP C 127 -37.91 10.02 -3.07
N GLY C 128 -37.80 11.02 -2.17
CA GLY C 128 -38.67 11.06 -1.01
C GLY C 128 -38.13 10.47 0.28
N GLY C 129 -36.90 9.98 0.26
CA GLY C 129 -36.38 9.25 1.43
C GLY C 129 -36.15 10.13 2.66
N ILE C 130 -35.76 11.39 2.45
CA ILE C 130 -35.71 12.38 3.56
C ILE C 130 -37.14 12.65 4.08
N ILE C 131 -38.10 12.70 3.16
CA ILE C 131 -39.50 12.93 3.56
C ILE C 131 -39.98 11.82 4.49
N ARG C 132 -39.73 10.56 4.09
CA ARG C 132 -40.07 9.38 4.91
C ARG C 132 -39.52 9.54 6.35
N GLU C 133 -38.25 9.90 6.44
CA GLU C 133 -37.63 10.01 7.76
C GLU C 133 -38.26 11.17 8.51
N LEU C 134 -38.50 12.29 7.83
CA LEU C 134 -39.12 13.44 8.52
C LEU C 134 -40.50 13.16 9.12
N CYS C 135 -41.32 12.37 8.41
CA CYS C 135 -42.66 12.00 8.84
C CYS C 135 -42.72 11.24 10.16
N LYS C 136 -41.67 10.53 10.51
CA LYS C 136 -41.64 9.78 11.77
C LYS C 136 -41.74 10.71 12.98
N TYR C 137 -41.46 12.00 12.75
CA TYR C 137 -41.59 13.05 13.76
C TYR C 137 -43.03 13.55 13.79
N LYS C 138 -43.81 13.04 14.74
CA LYS C 138 -45.19 13.50 14.91
C LYS C 138 -45.30 14.99 15.18
N SER C 139 -44.31 15.54 15.90
CA SER C 139 -44.23 16.98 16.21
C SER C 139 -44.10 17.93 14.99
N VAL C 140 -43.50 17.45 13.90
CA VAL C 140 -43.46 18.22 12.66
C VAL C 140 -44.89 18.52 12.21
N GLU C 141 -45.15 19.78 11.85
CA GLU C 141 -46.45 20.24 11.37
C GLU C 141 -46.54 20.36 9.84
N ASN C 142 -45.41 20.64 9.17
CA ASN C 142 -45.41 20.85 7.72
C ASN C 142 -44.06 20.51 7.06
N ILE C 143 -44.12 19.90 5.89
CA ILE C 143 -42.91 19.56 5.18
C ILE C 143 -43.06 20.04 3.76
N ASP C 144 -42.16 20.92 3.37
CA ASP C 144 -42.16 21.45 2.02
C ASP C 144 -41.04 20.74 1.30
N ILE C 145 -41.30 20.36 0.06
CA ILE C 145 -40.27 19.83 -0.80
C ILE C 145 -40.21 20.56 -2.11
N CYS C 146 -38.99 20.87 -2.52
CA CYS C 146 -38.76 21.61 -3.71
C CYS C 146 -37.86 20.79 -4.62
N GLU C 147 -38.46 20.19 -5.66
CA GLU C 147 -37.79 19.34 -6.59
C GLU C 147 -38.14 19.80 -7.99
N ILE C 148 -37.14 20.09 -8.80
CA ILE C 148 -37.35 20.66 -10.14
C ILE C 148 -37.87 19.63 -11.14
N ASP C 149 -37.50 18.37 -10.93
CA ASP C 149 -37.79 17.33 -11.92
C ASP C 149 -38.89 16.45 -11.38
N GLU C 150 -40.07 16.63 -11.94
CA GLU C 150 -41.28 15.88 -11.61
C GLU C 150 -41.15 14.38 -11.89
N THR C 151 -40.42 14.02 -12.94
CA THR C 151 -40.19 12.62 -13.32
C THR C 151 -39.50 11.83 -12.21
N VAL C 152 -38.56 12.48 -11.50
CA VAL C 152 -37.93 11.82 -10.37
C VAL C 152 -38.99 11.34 -9.40
N ILE C 153 -39.96 12.20 -9.08
CA ILE C 153 -40.98 11.88 -8.09
C ILE C 153 -41.92 10.76 -8.56
N GLU C 154 -42.38 10.85 -9.82
CA GLU C 154 -43.25 9.84 -10.43
C GLU C 154 -42.56 8.47 -10.40
N VAL C 155 -41.27 8.44 -10.75
CA VAL C 155 -40.47 7.22 -10.71
C VAL C 155 -40.32 6.66 -9.28
N SER C 156 -40.00 7.50 -8.27
CA SER C 156 -39.87 6.99 -6.92
C SER C 156 -41.18 6.38 -6.42
N LYS C 157 -42.30 7.01 -6.76
CA LYS C 157 -43.62 6.50 -6.41
C LYS C 157 -43.95 5.14 -7.06
N ILE C 158 -43.49 4.93 -8.29
CA ILE C 158 -43.74 3.68 -9.00
C ILE C 158 -42.83 2.54 -8.49
N TYR C 159 -41.52 2.72 -8.62
CA TYR C 159 -40.56 1.67 -8.38
C TYR C 159 -39.93 1.65 -6.97
N PHE C 160 -40.20 2.66 -6.13
CA PHE C 160 -39.51 2.78 -4.83
C PHE C 160 -40.41 3.11 -3.65
N LYS C 161 -41.48 2.32 -3.49
CA LYS C 161 -42.57 2.66 -2.56
C LYS C 161 -42.17 2.75 -1.08
N ASN C 162 -41.11 2.03 -0.73
CA ASN C 162 -40.56 2.04 0.61
C ASN C 162 -39.74 3.30 0.88
N ILE C 163 -39.53 4.07 -0.17
CA ILE C 163 -38.78 5.31 -0.10
C ILE C 163 -39.70 6.53 -0.31
N SER C 164 -40.69 6.40 -1.19
CA SER C 164 -41.60 7.51 -1.53
C SER C 164 -42.90 7.58 -0.68
N CYS C 165 -43.02 6.76 0.35
CA CYS C 165 -44.28 6.65 1.13
C CYS C 165 -44.66 7.88 1.94
N GLY C 166 -43.71 8.78 2.17
CA GLY C 166 -44.01 10.03 2.87
C GLY C 166 -44.87 10.99 2.06
N TYR C 167 -44.84 10.86 0.73
CA TYR C 167 -45.68 11.72 -0.11
C TYR C 167 -47.18 11.61 0.20
N GLU C 168 -47.58 10.48 0.75
CA GLU C 168 -48.96 10.31 1.18
C GLU C 168 -49.28 11.04 2.50
N ASP C 169 -48.26 11.41 3.26
CA ASP C 169 -48.48 12.13 4.54
C ASP C 169 -49.11 13.52 4.32
N LYS C 170 -50.20 13.81 5.03
CA LYS C 170 -50.95 15.07 4.82
C LYS C 170 -50.09 16.33 4.96
N ARG C 171 -48.98 16.25 5.71
CA ARG C 171 -48.14 17.41 6.01
C ARG C 171 -47.25 17.84 4.86
N VAL C 172 -47.18 17.01 3.83
CA VAL C 172 -46.18 17.15 2.80
C VAL C 172 -46.72 17.93 1.63
N ASN C 173 -45.94 18.91 1.16
CA ASN C 173 -46.34 19.79 0.08
C ASN C 173 -45.24 19.87 -0.97
N VAL C 174 -45.61 19.53 -2.21
CA VAL C 174 -44.65 19.44 -3.29
C VAL C 174 -44.68 20.65 -4.20
N PHE C 175 -43.48 21.20 -4.48
CA PHE C 175 -43.33 22.37 -5.33
C PHE C 175 -42.37 22.00 -6.42
N ILE C 176 -42.87 21.93 -7.65
CA ILE C 176 -42.05 21.58 -8.80
C ILE C 176 -41.42 22.85 -9.36
N GLU C 177 -40.23 23.19 -8.85
CA GLU C 177 -39.72 24.55 -8.96
C GLU C 177 -38.24 24.59 -8.61
N ASP C 178 -37.54 25.61 -9.12
CA ASP C 178 -36.14 25.87 -8.80
C ASP C 178 -36.08 26.40 -7.37
N ALA C 179 -35.19 25.83 -6.55
CA ALA C 179 -35.09 26.22 -5.13
C ALA C 179 -34.78 27.70 -4.88
N SER C 180 -33.89 28.28 -5.68
CA SER C 180 -33.62 29.72 -5.64
C SER C 180 -34.87 30.57 -5.84
N LYS C 181 -35.67 30.26 -6.87
CA LYS C 181 -36.93 30.95 -7.08
C LYS C 181 -37.87 30.76 -5.89
N PHE C 182 -37.99 29.52 -5.40
CA PHE C 182 -38.89 29.18 -4.32
C PHE C 182 -38.54 29.94 -3.04
N LEU C 183 -37.25 30.03 -2.74
CA LEU C 183 -36.77 30.70 -1.53
C LEU C 183 -36.68 32.23 -1.65
N GLU C 184 -36.96 32.78 -2.83
CA GLU C 184 -36.80 34.22 -3.13
C GLU C 184 -37.34 35.14 -2.04
N ASN C 185 -38.64 35.02 -1.78
CA ASN C 185 -39.26 35.82 -0.73
C ASN C 185 -39.79 34.95 0.39
N VAL C 186 -38.99 33.98 0.83
CA VAL C 186 -39.31 33.18 2.03
C VAL C 186 -38.32 33.62 3.11
N THR C 187 -38.84 33.94 4.29
CA THR C 187 -38.05 34.53 5.36
C THR C 187 -38.44 33.95 6.71
N ASN C 188 -37.48 33.72 7.60
CA ASN C 188 -37.79 33.41 9.01
C ASN C 188 -38.84 32.30 9.19
N THR C 189 -38.76 31.24 8.37
CA THR C 189 -39.85 30.25 8.20
C THR C 189 -39.52 28.80 8.66
N TYR C 190 -38.35 28.30 8.29
CA TYR C 190 -38.01 26.89 8.50
C TYR C 190 -37.14 26.65 9.72
N ASP C 191 -37.46 25.62 10.48
CA ASP C 191 -36.61 25.18 11.59
C ASP C 191 -35.39 24.40 11.10
N VAL C 192 -35.60 23.61 10.03
CA VAL C 192 -34.57 22.80 9.41
C VAL C 192 -34.74 22.88 7.88
N ILE C 193 -33.62 23.04 7.16
CA ILE C 193 -33.58 22.91 5.69
C ILE C 193 -32.53 21.85 5.40
N ILE C 194 -32.93 20.86 4.62
CA ILE C 194 -32.10 19.73 4.24
C ILE C 194 -31.93 19.75 2.73
N VAL C 195 -30.67 19.84 2.28
CA VAL C 195 -30.36 19.96 0.85
C VAL C 195 -29.85 18.62 0.35
N ASP C 196 -30.76 17.90 -0.30
CA ASP C 196 -30.49 16.57 -0.83
C ASP C 196 -30.21 16.74 -2.32
N SER C 197 -29.00 17.20 -2.61
CA SER C 197 -28.57 17.45 -3.98
C SER C 197 -27.20 18.12 -3.88
N SER C 198 -26.26 17.85 -4.81
CA SER C 198 -26.18 16.65 -5.62
C SER C 198 -24.69 16.35 -5.74
N ASN C 211 -24.99 32.80 -2.67
CA ASN C 211 -26.28 33.49 -2.76
C ASN C 211 -27.47 32.57 -2.47
N PHE C 212 -27.41 31.34 -2.98
CA PHE C 212 -28.37 30.30 -2.59
C PHE C 212 -28.33 30.08 -1.08
N TYR C 213 -27.12 30.06 -0.53
CA TYR C 213 -26.92 29.94 0.90
C TYR C 213 -27.42 31.15 1.71
N GLU C 214 -27.36 32.34 1.11
CA GLU C 214 -27.97 33.53 1.67
C GLU C 214 -29.47 33.36 1.76
N LYS C 215 -30.10 32.93 0.68
CA LYS C 215 -31.54 32.58 0.74
C LYS C 215 -31.87 31.53 1.81
N ILE C 216 -31.04 30.49 1.90
CA ILE C 216 -31.19 29.46 2.92
C ILE C 216 -31.04 30.05 4.31
N TYR C 217 -29.97 30.80 4.56
CA TYR C 217 -29.79 31.45 5.85
C TYR C 217 -31.02 32.27 6.24
N ASN C 218 -31.59 32.98 5.26
CA ASN C 218 -32.71 33.89 5.49
C ASN C 218 -34.06 33.19 5.65
N ALA C 219 -34.22 32.03 5.00
CA ALA C 219 -35.48 31.27 5.10
C ALA C 219 -35.55 30.54 6.44
N LEU C 220 -34.40 30.14 6.95
CA LEU C 220 -34.28 29.60 8.31
C LEU C 220 -34.77 30.55 9.41
N LYS C 221 -35.19 29.98 10.53
CA LYS C 221 -35.57 30.72 11.72
C LYS C 221 -34.31 31.12 12.50
N PRO C 222 -34.44 31.99 13.54
CA PRO C 222 -33.22 32.47 14.20
C PRO C 222 -32.31 31.36 14.76
N ASN C 223 -32.88 30.29 15.32
CA ASN C 223 -32.12 29.10 15.69
C ASN C 223 -32.30 27.90 14.74
N GLY C 224 -32.45 28.17 13.45
CA GLY C 224 -32.59 27.09 12.43
C GLY C 224 -31.29 26.48 11.92
N TYR C 225 -31.40 25.26 11.37
CA TYR C 225 -30.25 24.49 10.89
C TYR C 225 -30.39 24.09 9.41
N CYS C 226 -29.26 24.09 8.71
CA CYS C 226 -29.19 23.55 7.38
C CYS C 226 -28.17 22.42 7.32
N VAL C 227 -28.56 21.31 6.70
CA VAL C 227 -27.61 20.26 6.30
C VAL C 227 -27.70 20.05 4.81
N ALA C 228 -26.55 19.86 4.16
CA ALA C 228 -26.54 19.63 2.70
C ALA C 228 -25.54 18.55 2.38
N GLN C 229 -25.82 17.81 1.34
CA GLN C 229 -24.95 16.77 0.90
C GLN C 229 -23.67 17.42 0.43
N CYS C 230 -22.54 16.81 0.74
CA CYS C 230 -21.27 17.49 0.51
C CYS C 230 -20.08 16.58 0.31
N GLU C 231 -19.99 15.92 -0.85
CA GLU C 231 -18.73 15.30 -1.34
C GLU C 231 -18.17 14.18 -0.49
N SER C 232 -17.51 13.23 -1.14
CA SER C 232 -16.68 12.27 -0.40
C SER C 232 -15.35 12.92 -0.02
N LEU C 233 -14.94 12.77 1.24
CA LEU C 233 -13.61 13.17 1.72
C LEU C 233 -12.47 12.45 0.99
N TRP C 234 -12.77 11.29 0.38
CA TRP C 234 -11.75 10.60 -0.39
C TRP C 234 -11.45 11.21 -1.73
N ILE C 235 -12.33 12.06 -2.26
CA ILE C 235 -12.12 12.58 -3.64
C ILE C 235 -12.09 14.08 -3.87
N HIS C 236 -13.04 14.83 -3.35
CA HIS C 236 -13.04 16.26 -3.62
C HIS C 236 -12.86 17.09 -2.36
N VAL C 237 -11.68 17.05 -1.77
CA VAL C 237 -11.44 17.86 -0.57
C VAL C 237 -11.46 19.36 -0.90
N GLY C 238 -10.96 19.75 -2.07
CA GLY C 238 -11.12 21.11 -2.56
C GLY C 238 -12.57 21.60 -2.52
N THR C 239 -13.52 20.77 -2.95
CA THR C 239 -14.93 21.12 -2.86
C THR C 239 -15.47 21.22 -1.42
N ILE C 240 -15.06 20.32 -0.54
CA ILE C 240 -15.44 20.39 0.87
C ILE C 240 -15.00 21.75 1.42
N LYS C 241 -13.72 22.05 1.27
CA LYS C 241 -13.17 23.34 1.71
C LYS C 241 -13.95 24.56 1.18
N ASN C 242 -14.27 24.56 -0.11
CA ASN C 242 -15.02 25.64 -0.69
C ASN C 242 -16.39 25.76 -0.07
N MET C 243 -17.07 24.63 0.09
CA MET C 243 -18.43 24.63 0.65
C MET C 243 -18.43 25.11 2.08
N ILE C 244 -17.53 24.58 2.91
CA ILE C 244 -17.42 25.05 4.31
C ILE C 244 -17.10 26.53 4.34
N GLY C 245 -16.28 26.99 3.37
CA GLY C 245 -15.86 28.37 3.29
C GLY C 245 -17.02 29.29 3.00
N TYR C 246 -17.82 28.98 1.97
CA TYR C 246 -19.00 29.77 1.62
C TYR C 246 -19.94 29.82 2.82
N ALA C 247 -20.15 28.67 3.46
CA ALA C 247 -21.12 28.57 4.54
C ALA C 247 -20.72 29.37 5.77
N LYS C 248 -19.43 29.39 6.08
CA LYS C 248 -18.83 30.16 7.18
C LYS C 248 -19.00 31.70 7.09
N LYS C 249 -19.24 32.21 5.88
CA LYS C 249 -19.54 33.62 5.66
C LYS C 249 -20.90 34.04 6.22
N LEU C 250 -21.71 33.06 6.66
CA LEU C 250 -23.10 33.30 7.08
C LEU C 250 -23.43 32.67 8.42
N PHE C 251 -23.10 31.38 8.58
CA PHE C 251 -23.49 30.67 9.80
C PHE C 251 -22.41 30.75 10.87
N LYS C 252 -22.81 30.74 12.13
CA LYS C 252 -21.88 30.84 13.23
C LYS C 252 -21.04 29.57 13.36
N LYS C 253 -21.68 28.42 13.14
CA LYS C 253 -21.01 27.11 13.23
C LYS C 253 -21.22 26.28 11.95
N VAL C 254 -20.12 25.82 11.36
CA VAL C 254 -20.16 24.94 10.19
C VAL C 254 -19.33 23.69 10.48
N GLU C 255 -19.99 22.54 10.35
CA GLU C 255 -19.39 21.26 10.70
C GLU C 255 -19.55 20.28 9.55
N TYR C 256 -18.79 19.20 9.59
CA TYR C 256 -18.81 18.24 8.52
C TYR C 256 -18.83 16.87 9.18
N ALA C 257 -19.70 16.01 8.65
CA ALA C 257 -19.91 14.67 9.15
C ALA C 257 -19.86 13.71 7.96
N ASN C 258 -19.51 12.45 8.25
CA ASN C 258 -19.29 11.41 7.27
C ASN C 258 -20.29 10.28 7.46
N ILE C 259 -20.74 9.74 6.34
CA ILE C 259 -21.68 8.61 6.30
C ILE C 259 -21.04 7.51 5.48
N SER C 260 -21.01 6.30 6.02
CA SER C 260 -20.56 5.16 5.25
C SER C 260 -21.74 4.62 4.42
N ILE C 261 -21.59 4.58 3.11
CA ILE C 261 -22.66 4.08 2.21
C ILE C 261 -22.03 3.53 0.92
N PRO C 262 -22.13 2.20 0.67
CA PRO C 262 -21.23 1.65 -0.33
C PRO C 262 -21.46 2.04 -1.77
N THR C 263 -22.64 2.55 -2.10
CA THR C 263 -22.96 2.82 -3.51
C THR C 263 -22.80 4.30 -3.87
N TYR C 264 -22.19 5.09 -2.98
CA TYR C 264 -21.71 6.41 -3.43
C TYR C 264 -20.26 6.22 -3.85
N PRO C 265 -19.72 7.08 -4.74
CA PRO C 265 -18.30 6.86 -5.08
C PRO C 265 -17.42 6.99 -3.84
N CYS C 266 -16.42 6.11 -3.72
CA CYS C 266 -15.55 5.92 -2.53
C CYS C 266 -16.23 5.35 -1.29
N GLY C 267 -17.51 4.99 -1.45
CA GLY C 267 -18.29 4.39 -0.39
C GLY C 267 -18.59 5.26 0.82
N CYS C 268 -18.49 6.58 0.66
CA CYS C 268 -18.98 7.50 1.66
C CYS C 268 -19.39 8.79 0.99
N ILE C 269 -20.21 9.54 1.71
CA ILE C 269 -20.57 10.87 1.33
C ILE C 269 -20.63 11.72 2.61
N GLY C 270 -20.39 13.02 2.52
CA GLY C 270 -20.45 13.91 3.71
C GLY C 270 -21.69 14.79 3.77
N ILE C 271 -21.93 15.33 4.96
CA ILE C 271 -22.98 16.32 5.23
C ILE C 271 -22.34 17.63 5.68
N LEU C 272 -22.65 18.74 5.02
CA LEU C 272 -22.26 20.06 5.46
C LEU C 272 -23.31 20.52 6.47
N CYS C 273 -22.91 20.72 7.71
CA CYS C 273 -23.83 21.01 8.77
C CYS C 273 -23.72 22.46 9.23
N CYS C 274 -24.78 23.23 9.02
CA CYS C 274 -24.78 24.67 9.27
C CYS C 274 -25.70 25.07 10.43
N SER C 275 -25.12 25.73 11.44
CA SER C 275 -25.87 26.27 12.59
C SER C 275 -25.75 27.79 12.72
N LYS C 276 -26.86 28.44 13.09
CA LYS C 276 -26.86 29.88 13.34
C LYS C 276 -26.33 30.20 14.75
N THR C 277 -26.47 29.21 15.63
CA THR C 277 -26.06 29.32 17.03
C THR C 277 -24.66 28.76 17.29
N ASP C 278 -24.16 29.03 18.49
CA ASP C 278 -22.79 28.68 18.89
C ASP C 278 -22.55 27.16 19.01
N THR C 279 -23.61 26.42 19.36
CA THR C 279 -23.50 25.02 19.78
C THR C 279 -23.38 23.94 18.65
N GLY C 280 -23.77 24.27 17.42
CA GLY C 280 -23.60 23.32 16.31
C GLY C 280 -24.47 22.07 16.37
N LEU C 281 -24.10 21.05 15.59
CA LEU C 281 -24.98 19.92 15.33
C LEU C 281 -24.41 18.56 15.76
N THR C 282 -23.35 18.56 16.57
CA THR C 282 -22.65 17.33 16.88
C THR C 282 -23.29 16.56 18.02
N LYS C 283 -24.22 17.22 18.73
CA LYS C 283 -24.77 16.65 19.97
C LYS C 283 -26.27 16.75 19.96
N PRO C 284 -26.95 15.59 19.92
CA PRO C 284 -28.41 15.61 19.87
C PRO C 284 -29.02 16.09 21.20
N ASN C 285 -30.21 16.69 21.07
CA ASN C 285 -31.02 17.16 22.18
C ASN C 285 -32.19 16.23 22.44
N LYS C 286 -32.23 15.11 21.71
CA LYS C 286 -33.23 14.10 21.92
C LYS C 286 -32.67 12.75 21.50
N LYS C 287 -33.30 11.66 21.97
CA LYS C 287 -32.97 10.31 21.53
C LYS C 287 -34.19 9.75 20.81
N LEU C 288 -33.94 8.91 19.83
CA LEU C 288 -35.01 8.39 18.99
C LEU C 288 -35.38 6.98 19.39
N GLU C 289 -36.26 6.89 20.40
CA GLU C 289 -36.52 5.64 21.11
C GLU C 289 -37.98 5.24 21.01
N SER C 290 -38.82 6.19 20.66
CA SER C 290 -40.26 5.92 20.56
C SER C 290 -40.53 4.96 19.40
N LYS C 291 -41.76 4.45 19.33
CA LYS C 291 -42.18 3.47 18.33
C LYS C 291 -41.95 3.90 16.89
N GLU C 292 -41.99 5.21 16.64
CA GLU C 292 -41.89 5.74 15.28
C GLU C 292 -40.51 5.49 14.65
N PHE C 293 -39.51 5.33 15.52
CA PHE C 293 -38.13 5.16 15.09
C PHE C 293 -37.57 3.76 15.33
N ALA C 294 -38.45 2.79 15.52
CA ALA C 294 -38.08 1.40 15.77
C ALA C 294 -37.37 0.75 14.57
N ASP C 295 -37.69 1.21 13.36
CA ASP C 295 -37.14 0.64 12.15
C ASP C 295 -35.77 1.25 11.71
N LEU C 296 -35.18 2.12 12.52
CA LEU C 296 -33.91 2.78 12.14
C LEU C 296 -32.80 1.74 12.00
N LYS C 297 -31.96 1.89 10.99
CA LYS C 297 -30.96 0.88 10.64
C LYS C 297 -29.54 1.40 10.66
N TYR C 298 -29.38 2.71 10.63
CA TYR C 298 -28.05 3.24 10.66
C TYR C 298 -27.93 4.16 11.88
N TYR C 299 -28.73 5.22 11.88
CA TYR C 299 -28.74 6.25 12.91
C TYR C 299 -29.00 5.73 14.32
N ASN C 300 -28.20 6.27 15.26
CA ASN C 300 -28.49 6.19 16.68
C ASN C 300 -27.78 7.29 17.49
N TYR C 301 -28.10 7.40 18.77
CA TYR C 301 -27.50 8.43 19.64
C TYR C 301 -25.99 8.58 19.44
N GLU C 302 -25.25 7.49 19.60
CA GLU C 302 -23.77 7.54 19.65
C GLU C 302 -23.14 7.78 18.29
N ASN C 303 -23.75 7.19 17.26
CA ASN C 303 -23.39 7.38 15.85
C ASN C 303 -23.41 8.81 15.42
N HIS C 304 -24.41 9.55 15.87
CA HIS C 304 -24.57 10.95 15.56
C HIS C 304 -23.27 11.73 15.84
N SER C 305 -22.75 11.70 17.08
CA SER C 305 -21.51 12.43 17.32
C SER C 305 -20.32 11.75 16.60
N ALA C 306 -20.26 10.42 16.63
CA ALA C 306 -19.23 9.68 15.93
C ALA C 306 -18.98 10.18 14.49
N ALA C 307 -20.06 10.55 13.78
CA ALA C 307 -19.96 10.85 12.35
C ALA C 307 -19.12 12.07 12.08
N PHE C 308 -18.98 12.91 13.11
CA PHE C 308 -18.27 14.17 13.03
C PHE C 308 -16.79 14.02 13.38
N LYS C 309 -16.38 12.82 13.78
CA LYS C 309 -14.98 12.60 14.20
C LYS C 309 -14.17 12.17 13.01
N LEU C 310 -13.46 13.10 12.39
CA LEU C 310 -12.95 12.95 11.02
C LEU C 310 -11.50 12.44 10.95
N PRO C 311 -11.08 11.87 9.78
CA PRO C 311 -9.68 11.50 9.57
C PRO C 311 -8.75 12.70 9.74
N ALA C 312 -7.58 12.48 10.35
CA ALA C 312 -6.58 13.54 10.56
C ALA C 312 -6.30 14.37 9.32
N PHE C 313 -6.23 13.73 8.14
CA PHE C 313 -5.93 14.48 6.92
C PHE C 313 -6.96 15.56 6.62
N LEU C 314 -8.22 15.26 6.87
CA LEU C 314 -9.34 16.14 6.50
C LEU C 314 -9.42 17.32 7.44
N LEU C 315 -9.20 17.10 8.73
CA LEU C 315 -9.07 18.17 9.71
C LEU C 315 -7.99 19.20 9.34
N LYS C 316 -6.85 18.69 8.90
CA LYS C 316 -5.74 19.50 8.41
C LYS C 316 -6.10 20.33 7.16
N GLU C 317 -6.81 19.72 6.20
CA GLU C 317 -7.34 20.46 5.04
C GLU C 317 -8.38 21.53 5.45
N ILE C 318 -9.20 21.19 6.44
CA ILE C 318 -10.26 22.08 6.93
C ILE C 318 -9.66 23.32 7.62
N GLU C 319 -8.51 23.15 8.26
CA GLU C 319 -7.80 24.28 8.88
C GLU C 319 -7.26 25.29 7.87
N ASN C 320 -7.16 24.87 6.60
CA ASN C 320 -6.66 25.72 5.51
C ASN C 320 -7.76 26.42 4.70
N ILE C 321 -8.95 26.54 5.29
CA ILE C 321 -10.11 27.04 4.56
C ILE C 321 -10.13 28.57 4.54
#